data_5K04
#
_entry.id   5K04
#
_cell.length_a   108.450
_cell.length_b   108.450
_cell.length_c   223.294
_cell.angle_alpha   90.000
_cell.angle_beta   90.000
_cell.angle_gamma   90.000
#
_symmetry.space_group_name_H-M   'P 43 21 2'
#
loop_
_entity.id
_entity.type
_entity.pdbx_description
1 polymer 'Uncharacterized protein'
2 polymer 'N-terminal acetyltransferase B complex subunit NAT3'
3 non-polymer '2-(N-MORPHOLINO)-ETHANESULFONIC ACID'
4 non-polymer 'COENZYME A'
5 water water
#
loop_
_entity_poly.entity_id
_entity_poly.type
_entity_poly.pdbx_seq_one_letter_code
_entity_poly.pdbx_strand_id
1 'polypeptide(L)'
;GPAGSMATERDQEIIDFIDQGNYTYAQSLITKKLAKSPQKLFYHVLQNEIHLKSGQRELAIKKNLELLNRYPNDPLTIEK
LSDFFSKMEMEKESSLVYENAIKKYPVSTETLCLSWFDNSIEKYDFKVFNRIFMYLNKNGKSRLHTLWYAFSFHLLLQEG
ETDKASLYNSLGKKLMEGLQPFENTQEIYVYTLFLSSKEIEQVLSGVTLPLDLELKLLYMKAMKENASFEALHAYTEKLL
FKEKFDDFDTWKLWILSGKEIGKSFEELDQKLTLPTRNISLLKIELDILYSRNIETSVENYYQKFNTKLCCYADLSQYEL
PTSFIGSLKNSTSEENLITVVNNRKFVNQTDNWDVYERFSTKEGAEYDSNPVNELTLRTIVSDLDSSPQNTIKNIVLLKH
LLEQDKYNYKLKLWLMKLYSQLNTNDLIFPIYNGLKIRMTQHETLNYYLTTTNPSKINLDAWVDIYRFYLTSKQEIKESI
IQGFDNGVFNKLEGFINFSKRMQNSISLNFTVAKILQISTILGTDGYLNYFIHYLKTNEALIVSDYTDNRDFKSEWNGLE
KIDCIDVPVNDVATKLKLLVYSIVFEDQDASRLLKVFNKITSNAKFSVFDNLLYKLYFNLLKITKTKLNPQETQSLYNYL
QKNLKTDKLKILIPENLLSGELTQNLTNLVEFIKIVKLLAKRHPSSYMNQLVNLVKPFGKEFKNLKLVQRQHEIIDSMDF
EPPISVDISQTKLEIKSSIEDCVVALLNSL
;
A
2 'polypeptide(L)'
;MTSIKPFQMEDLFELNPVNLDPLTENFNVSFYSQYLIEWPQLFYKSVETPNGQASGYMMAKTEGQLSKKEWHTHITAVTV
LDQYRRIGLASKLCLELENLTQVKDTLFIDLFVKVTNTLGRILYEKLGYSVFRRVVGYYGREIQKDRNKIDDSVDAFDMR
KLLPRDVNNE
;
B
#
loop_
_chem_comp.id
_chem_comp.type
_chem_comp.name
_chem_comp.formula
COA non-polymer 'COENZYME A' 'C21 H36 N7 O16 P3 S'
MES non-polymer '2-(N-MORPHOLINO)-ETHANESULFONIC ACID' 'C6 H13 N O4 S'
#
# COMPACT_ATOMS: atom_id res chain seq x y z
N GLU A 13 35.26 -8.15 -13.49
CA GLU A 13 33.88 -7.65 -13.38
C GLU A 13 33.85 -6.13 -13.48
N ILE A 14 34.93 -5.49 -13.02
CA ILE A 14 35.01 -4.04 -13.10
C ILE A 14 34.88 -3.54 -14.54
N ILE A 15 35.49 -4.26 -15.48
CA ILE A 15 35.35 -3.91 -16.89
C ILE A 15 33.90 -4.09 -17.37
N ASP A 16 33.17 -5.02 -16.77
CA ASP A 16 31.78 -5.24 -17.18
C ASP A 16 30.88 -4.09 -16.74
N PHE A 17 31.14 -3.53 -15.55
CA PHE A 17 30.34 -2.41 -15.07
C PHE A 17 30.51 -1.19 -15.97
N ILE A 18 31.72 -0.98 -16.49
CA ILE A 18 31.95 0.12 -17.44
C ILE A 18 31.17 -0.12 -18.73
N ASP A 19 31.08 -1.38 -19.16
CA ASP A 19 30.32 -1.71 -20.37
C ASP A 19 28.85 -1.38 -20.19
N GLN A 20 28.26 -1.85 -19.09
CA GLN A 20 26.87 -1.54 -18.77
C GLN A 20 26.62 -0.04 -18.79
N GLY A 21 27.42 0.72 -18.04
CA GLY A 21 27.26 2.17 -18.02
C GLY A 21 27.52 2.80 -19.38
N ASN A 22 28.16 2.08 -20.29
CA ASN A 22 28.51 2.58 -21.62
C ASN A 22 29.32 3.87 -21.54
N THR A 24 31.12 3.24 -24.03
CA THR A 24 30.54 2.11 -24.76
C THR A 24 31.53 1.49 -25.75
N TYR A 25 32.50 2.30 -26.20
CA TYR A 25 33.51 1.84 -27.15
C TYR A 25 34.70 1.18 -26.45
N ALA A 26 35.13 1.71 -25.30
CA ALA A 26 36.17 1.06 -24.53
C ALA A 26 35.72 -0.29 -24.00
N GLN A 27 34.41 -0.54 -23.96
CA GLN A 27 33.88 -1.81 -23.48
C GLN A 27 34.25 -2.94 -24.44
N SER A 28 33.92 -2.79 -25.72
CA SER A 28 34.22 -3.83 -26.70
C SER A 28 35.73 -4.07 -26.80
N LEU A 29 36.54 -3.02 -26.58
CA LEU A 29 37.99 -3.19 -26.60
C LEU A 29 38.47 -3.91 -25.35
N ILE A 30 37.91 -3.56 -24.18
CA ILE A 30 38.30 -4.25 -22.96
C ILE A 30 37.93 -5.73 -23.02
N THR A 31 36.78 -6.05 -23.59
CA THR A 31 36.38 -7.45 -23.74
C THR A 31 37.16 -8.13 -24.84
N LYS A 32 37.49 -7.41 -25.91
CA LYS A 32 38.33 -7.97 -26.97
C LYS A 32 39.71 -8.33 -26.42
N LYS A 33 40.20 -7.55 -25.46
CA LYS A 33 41.48 -7.84 -24.82
C LYS A 33 41.35 -8.98 -23.81
N LEU A 34 40.36 -8.88 -22.91
CA LEU A 34 40.18 -9.90 -21.88
C LEU A 34 39.91 -11.27 -22.50
N ALA A 35 39.04 -11.32 -23.51
CA ALA A 35 38.73 -12.60 -24.14
C ALA A 35 39.91 -13.11 -24.96
N LYS A 36 40.67 -12.21 -25.58
CA LYS A 36 41.88 -12.62 -26.28
C LYS A 36 42.87 -13.27 -25.33
N SER A 37 42.81 -12.91 -24.05
CA SER A 37 43.62 -13.60 -23.05
C SER A 37 43.10 -15.01 -22.79
N PRO A 38 41.79 -15.15 -22.59
CA PRO A 38 41.18 -16.46 -22.36
C PRO A 38 41.34 -17.35 -23.58
N LEU A 41 36.05 -18.15 -19.64
CA LEU A 41 36.03 -17.88 -21.07
C LEU A 41 34.61 -17.63 -21.56
N PHE A 42 33.68 -18.51 -21.16
CA PHE A 42 32.30 -18.39 -21.63
C PHE A 42 31.66 -17.08 -21.16
N TYR A 43 32.06 -16.60 -19.98
CA TYR A 43 31.55 -15.34 -19.46
C TYR A 43 31.84 -14.19 -20.42
N HIS A 44 33.11 -14.03 -20.80
CA HIS A 44 33.50 -12.89 -21.64
C HIS A 44 32.80 -12.93 -22.99
N VAL A 45 32.61 -14.13 -23.55
CA VAL A 45 31.86 -14.26 -24.80
C VAL A 45 30.41 -13.84 -24.61
N LEU A 46 29.83 -14.17 -23.45
CA LEU A 46 28.50 -13.69 -23.14
C LEU A 46 28.48 -12.17 -23.04
N GLN A 47 29.54 -11.59 -22.47
CA GLN A 47 29.68 -10.15 -22.44
C GLN A 47 29.76 -9.58 -23.85
N ASN A 48 30.71 -10.06 -24.65
CA ASN A 48 30.88 -9.59 -26.01
C ASN A 48 29.56 -9.52 -26.76
N GLU A 49 28.74 -10.56 -26.61
CA GLU A 49 27.48 -10.65 -27.35
C GLU A 49 26.39 -9.79 -26.73
N ILE A 50 26.54 -9.43 -25.46
CA ILE A 50 25.68 -8.40 -24.88
C ILE A 50 26.03 -7.04 -25.47
N HIS A 51 27.32 -6.71 -25.52
CA HIS A 51 27.75 -5.46 -26.11
C HIS A 51 27.26 -5.35 -27.55
N LEU A 52 27.24 -6.47 -28.27
CA LEU A 52 26.66 -6.47 -29.60
C LEU A 52 25.17 -6.15 -29.53
N LYS A 53 24.46 -6.82 -28.61
CA LYS A 53 23.04 -6.51 -28.42
C LYS A 53 22.84 -5.03 -28.17
N SER A 54 23.76 -4.40 -27.42
CA SER A 54 23.70 -2.95 -27.21
C SER A 54 23.95 -2.18 -28.50
N GLY A 55 24.63 -2.77 -29.47
CA GLY A 55 24.75 -2.19 -30.79
C GLY A 55 23.69 -2.70 -31.75
N GLN A 56 23.57 -4.02 -31.89
CA GLN A 56 22.56 -4.66 -32.73
C GLN A 56 22.37 -6.11 -32.28
N ARG A 57 21.13 -6.59 -32.37
CA ARG A 57 20.66 -7.69 -31.54
C ARG A 57 20.50 -9.04 -32.24
N GLU A 58 20.12 -9.09 -33.52
CA GLU A 58 19.90 -10.38 -34.16
C GLU A 58 21.14 -11.25 -34.08
N LEU A 59 22.31 -10.64 -34.24
CA LEU A 59 23.56 -11.37 -33.99
C LEU A 59 23.61 -11.84 -32.55
N ALA A 60 23.18 -10.99 -31.61
CA ALA A 60 23.33 -11.30 -30.19
C ALA A 60 22.54 -12.53 -29.77
N ILE A 61 21.35 -12.72 -30.33
CA ILE A 61 20.54 -13.89 -29.98
C ILE A 61 21.16 -15.16 -30.55
N LYS A 62 21.47 -15.15 -31.85
CA LYS A 62 22.22 -16.25 -32.45
C LYS A 62 23.46 -16.57 -31.63
N LYS A 63 24.18 -15.52 -31.20
CA LYS A 63 25.41 -15.72 -30.47
C LYS A 63 25.15 -16.28 -29.06
N ASN A 64 24.08 -15.82 -28.41
CA ASN A 64 23.74 -16.34 -27.08
C ASN A 64 23.17 -17.75 -27.18
N LEU A 65 22.40 -18.03 -28.24
CA LEU A 65 21.97 -19.40 -28.51
C LEU A 65 23.18 -20.30 -28.71
N GLU A 66 24.20 -19.80 -29.41
CA GLU A 66 25.44 -20.54 -29.58
C GLU A 66 26.08 -20.86 -28.22
N LEU A 67 26.08 -19.89 -27.31
CA LEU A 67 26.65 -20.11 -25.98
C LEU A 67 25.86 -21.14 -25.19
N LEU A 68 24.53 -21.09 -25.28
CA LEU A 68 23.69 -22.00 -24.52
C LEU A 68 24.04 -23.45 -24.79
N ASN A 69 24.29 -23.78 -26.06
CA ASN A 69 24.53 -25.17 -26.43
C ASN A 69 25.88 -25.68 -25.94
N ARG A 70 26.81 -24.78 -25.58
CA ARG A 70 28.07 -25.20 -25.00
C ARG A 70 27.95 -25.56 -23.53
N TYR A 71 26.74 -25.47 -22.96
CA TYR A 71 26.39 -25.89 -21.60
C TYR A 71 27.10 -25.18 -20.44
N PRO A 72 27.01 -23.85 -20.41
CA PRO A 72 28.00 -23.04 -19.69
C PRO A 72 28.67 -23.43 -18.38
N ASN A 73 27.96 -24.13 -17.48
CA ASN A 73 28.47 -24.68 -16.21
C ASN A 73 28.99 -23.66 -15.17
N ASP A 74 28.84 -22.35 -15.39
CA ASP A 74 29.25 -21.36 -14.40
C ASP A 74 28.06 -20.52 -13.94
N PRO A 75 27.92 -20.26 -12.64
CA PRO A 75 26.67 -19.64 -12.16
C PRO A 75 26.44 -18.24 -12.71
N LEU A 76 27.47 -17.38 -12.74
CA LEU A 76 27.28 -16.02 -13.23
C LEU A 76 26.92 -16.01 -14.72
N THR A 77 27.62 -16.84 -15.51
CA THR A 77 27.32 -16.89 -16.94
C THR A 77 25.91 -17.43 -17.19
N ILE A 78 25.50 -18.44 -16.43
CA ILE A 78 24.15 -18.98 -16.57
C ILE A 78 23.12 -17.90 -16.26
N GLU A 79 23.32 -17.19 -15.14
CA GLU A 79 22.39 -16.13 -14.73
C GLU A 79 22.23 -15.10 -15.83
N LYS A 80 23.33 -14.69 -16.46
CA LYS A 80 23.23 -13.64 -17.46
C LYS A 80 22.53 -14.16 -18.72
N LEU A 81 22.93 -15.33 -19.21
CA LEU A 81 22.20 -15.96 -20.31
C LEU A 81 20.70 -15.99 -20.04
N SER A 82 20.29 -16.63 -18.95
CA SER A 82 18.86 -16.73 -18.62
C SER A 82 18.25 -15.35 -18.52
N ASP A 83 19.02 -14.37 -18.03
CA ASP A 83 18.55 -12.99 -18.05
C ASP A 83 18.38 -12.50 -19.48
N PHE A 84 19.37 -12.75 -20.34
CA PHE A 84 19.30 -12.26 -21.72
C PHE A 84 18.11 -12.84 -22.47
N PHE A 85 17.89 -14.15 -22.37
CA PHE A 85 16.80 -14.77 -23.12
C PHE A 85 15.45 -14.30 -22.59
N SER A 86 15.31 -14.16 -21.28
CA SER A 86 14.08 -13.63 -20.71
C SER A 86 13.83 -12.20 -21.20
N LYS A 87 14.90 -11.41 -21.36
CA LYS A 87 14.76 -10.06 -21.90
C LYS A 87 14.21 -10.07 -23.31
N MET A 88 14.42 -11.14 -24.06
CA MET A 88 13.95 -11.23 -25.44
C MET A 88 12.69 -12.09 -25.58
N GLU A 89 11.93 -12.24 -24.48
CA GLU A 89 10.69 -13.01 -24.50
C GLU A 89 10.92 -14.44 -24.95
N MET A 90 12.06 -14.99 -24.55
CA MET A 90 12.45 -16.35 -24.86
C MET A 90 12.54 -17.15 -23.56
N GLU A 91 11.39 -17.33 -22.91
CA GLU A 91 11.34 -18.03 -21.62
C GLU A 91 11.82 -19.47 -21.75
N LYS A 92 11.61 -20.09 -22.92
CA LYS A 92 12.11 -21.44 -23.15
C LYS A 92 13.61 -21.52 -22.86
N GLU A 93 14.38 -20.63 -23.48
CA GLU A 93 15.82 -20.67 -23.39
C GLU A 93 16.31 -20.17 -22.03
N SER A 94 15.67 -19.17 -21.45
CA SER A 94 16.09 -18.67 -20.13
C SER A 94 16.00 -19.76 -19.06
N SER A 95 15.07 -20.71 -19.22
CA SER A 95 14.98 -21.83 -18.30
C SER A 95 15.96 -22.94 -18.66
N LEU A 96 16.19 -23.15 -19.97
CA LEU A 96 17.03 -24.26 -20.41
C LEU A 96 18.49 -24.11 -19.97
N VAL A 97 18.97 -22.88 -19.76
CA VAL A 97 20.35 -22.71 -19.32
C VAL A 97 20.56 -23.38 -17.97
N TYR A 98 19.64 -23.15 -17.03
CA TYR A 98 19.76 -23.75 -15.71
C TYR A 98 19.50 -25.25 -15.77
N GLU A 99 18.45 -25.66 -16.48
CA GLU A 99 18.10 -27.09 -16.57
C GLU A 99 19.24 -27.89 -17.18
N ASN A 100 19.87 -27.37 -18.21
CA ASN A 100 21.00 -28.07 -18.82
C ASN A 100 22.14 -28.21 -17.83
N ALA A 101 22.38 -27.16 -17.02
CA ALA A 101 23.45 -27.22 -16.03
C ALA A 101 23.15 -28.24 -14.94
N ILE A 102 21.91 -28.26 -14.45
CA ILE A 102 21.50 -29.24 -13.45
C ILE A 102 21.59 -30.65 -14.00
N LYS A 103 21.12 -30.84 -15.22
CA LYS A 103 21.22 -32.14 -15.88
C LYS A 103 22.69 -32.58 -16.00
N LYS A 104 23.57 -31.66 -16.42
CA LYS A 104 24.98 -31.99 -16.67
C LYS A 104 25.79 -32.10 -15.38
N TYR A 105 25.44 -31.37 -14.34
CA TYR A 105 26.20 -31.31 -13.09
C TYR A 105 25.28 -31.42 -11.89
N PRO A 106 24.62 -32.58 -11.71
CA PRO A 106 23.60 -32.70 -10.65
C PRO A 106 24.11 -32.51 -9.22
N VAL A 107 25.43 -32.51 -8.97
CA VAL A 107 25.91 -32.21 -7.62
C VAL A 107 25.72 -30.74 -7.26
N SER A 108 25.64 -29.85 -8.25
CA SER A 108 25.43 -28.43 -8.03
C SER A 108 23.96 -28.06 -8.08
N THR A 109 23.07 -29.05 -8.00
CA THR A 109 21.63 -28.84 -8.15
C THR A 109 21.09 -27.82 -7.16
N GLU A 110 21.40 -28.00 -5.87
CA GLU A 110 20.89 -27.08 -4.86
C GLU A 110 21.37 -25.66 -5.14
N THR A 111 22.69 -25.48 -5.27
CA THR A 111 23.28 -24.16 -5.49
C THR A 111 22.75 -23.50 -6.77
N LEU A 112 22.64 -24.27 -7.86
CA LEU A 112 22.09 -23.70 -9.10
C LEU A 112 20.63 -23.31 -8.90
N CYS A 113 19.85 -24.20 -8.30
CA CYS A 113 18.42 -23.95 -8.12
C CYS A 113 18.17 -22.73 -7.25
N LEU A 114 18.99 -22.52 -6.20
CA LEU A 114 18.78 -21.38 -5.31
C LEU A 114 19.13 -20.06 -6.00
N SER A 115 20.18 -20.05 -6.83
CA SER A 115 20.47 -18.87 -7.65
C SER A 115 19.33 -18.59 -8.63
N TRP A 116 18.92 -19.63 -9.37
CA TRP A 116 17.75 -19.59 -10.23
C TRP A 116 16.54 -19.00 -9.52
N PHE A 117 16.28 -19.46 -8.31
CA PHE A 117 15.10 -19.04 -7.57
C PHE A 117 15.23 -17.61 -7.08
N ASP A 118 16.38 -17.29 -6.47
CA ASP A 118 16.61 -15.94 -5.95
C ASP A 118 16.54 -14.90 -7.07
N ASN A 119 17.04 -15.24 -8.25
CA ASN A 119 16.97 -14.33 -9.38
C ASN A 119 15.57 -14.30 -9.99
N SER A 120 14.78 -15.35 -9.80
CA SER A 120 13.47 -15.48 -10.42
C SER A 120 12.37 -14.78 -9.64
N ILE A 121 12.62 -14.42 -8.37
CA ILE A 121 11.52 -13.98 -7.51
C ILE A 121 10.85 -12.74 -8.09
N GLU A 122 11.65 -11.75 -8.49
CA GLU A 122 11.15 -10.52 -9.12
C GLU A 122 10.16 -10.80 -10.25
N LYS A 123 10.33 -11.93 -10.94
CA LYS A 123 9.46 -12.34 -12.04
C LYS A 123 8.59 -13.47 -11.52
N TYR A 124 7.36 -13.15 -11.15
CA TYR A 124 6.53 -14.07 -10.37
C TYR A 124 5.89 -15.11 -11.28
N ASP A 125 6.75 -15.95 -11.87
CA ASP A 125 6.35 -17.02 -12.78
C ASP A 125 6.28 -18.30 -11.96
N PHE A 126 5.09 -18.57 -11.42
CA PHE A 126 4.90 -19.72 -10.55
C PHE A 126 5.19 -21.05 -11.24
N LYS A 127 5.15 -21.08 -12.59
CA LYS A 127 5.59 -22.26 -13.32
C LYS A 127 7.10 -22.44 -13.19
N VAL A 128 7.83 -21.33 -13.08
CA VAL A 128 9.27 -21.38 -12.85
C VAL A 128 9.57 -21.81 -11.40
N PHE A 129 8.90 -21.18 -10.43
CA PHE A 129 9.04 -21.60 -9.04
C PHE A 129 8.85 -23.10 -8.92
N ASN A 130 7.75 -23.61 -9.49
CA ASN A 130 7.41 -25.02 -9.40
C ASN A 130 8.41 -25.87 -10.17
N ARG A 131 8.90 -25.36 -11.30
CA ARG A 131 9.94 -26.07 -12.04
C ARG A 131 11.24 -26.10 -11.24
N ILE A 132 11.63 -24.98 -10.63
CA ILE A 132 12.84 -24.97 -9.80
C ILE A 132 12.70 -25.97 -8.68
N PHE A 133 11.58 -25.92 -7.97
CA PHE A 133 11.36 -26.80 -6.86
C PHE A 133 11.29 -28.27 -7.28
N MET A 134 10.84 -28.53 -8.51
CA MET A 134 10.82 -29.90 -9.00
C MET A 134 12.25 -30.46 -9.09
N TYR A 135 13.16 -29.73 -9.75
CA TYR A 135 14.55 -30.16 -9.82
C TYR A 135 15.16 -30.26 -8.42
N LEU A 136 14.86 -29.28 -7.57
CA LEU A 136 15.47 -29.23 -6.25
C LEU A 136 14.99 -30.36 -5.36
N ASN A 137 13.79 -30.86 -5.61
CA ASN A 137 13.24 -31.93 -4.81
C ASN A 137 13.62 -33.30 -5.34
N LYS A 138 14.00 -33.38 -6.62
CA LYS A 138 14.44 -34.65 -7.17
C LYS A 138 15.83 -35.00 -6.65
N ASN A 139 16.78 -34.09 -6.87
CA ASN A 139 18.11 -34.14 -6.25
C ASN A 139 18.09 -33.41 -4.90
N GLY A 140 17.14 -33.78 -4.05
CA GLY A 140 16.96 -33.17 -2.75
C GLY A 140 16.53 -34.18 -1.69
N LYS A 141 17.32 -34.28 -0.64
CA LYS A 141 16.99 -35.08 0.54
C LYS A 141 16.41 -34.19 1.62
N SER A 142 15.41 -33.38 1.26
CA SER A 142 14.97 -32.29 2.11
C SER A 142 13.45 -32.28 2.23
N ARG A 143 12.98 -32.52 3.44
CA ARG A 143 11.58 -32.29 3.78
C ARG A 143 11.15 -30.86 3.42
N LEU A 144 12.01 -29.88 3.74
CA LEU A 144 11.71 -28.49 3.40
C LEU A 144 11.47 -28.32 1.91
N HIS A 145 12.34 -28.91 1.07
CA HIS A 145 12.21 -28.78 -0.38
C HIS A 145 10.95 -29.45 -0.90
N THR A 146 10.55 -30.57 -0.29
CA THR A 146 9.29 -31.19 -0.68
C THR A 146 8.12 -30.25 -0.38
N LEU A 147 8.19 -29.56 0.76
CA LEU A 147 7.15 -28.59 1.11
C LEU A 147 7.11 -27.44 0.13
N TRP A 148 8.29 -26.90 -0.24
CA TRP A 148 8.39 -25.88 -1.27
C TRP A 148 7.65 -26.29 -2.53
N TYR A 149 8.02 -27.46 -3.04
CA TYR A 149 7.45 -27.99 -4.27
C TYR A 149 5.93 -28.10 -4.17
N ALA A 150 5.45 -28.65 -3.04
CA ALA A 150 4.02 -28.81 -2.79
C ALA A 150 3.33 -27.46 -2.71
N PHE A 151 3.90 -26.55 -1.93
CA PHE A 151 3.33 -25.21 -1.81
C PHE A 151 3.28 -24.52 -3.16
N SER A 152 4.27 -24.76 -4.02
CA SER A 152 4.31 -24.13 -5.34
C SER A 152 3.16 -24.58 -6.22
N PHE A 153 2.58 -25.76 -5.94
CA PHE A 153 1.40 -26.21 -6.70
C PHE A 153 0.16 -25.42 -6.32
N HIS A 154 0.05 -25.07 -5.05
CA HIS A 154 -0.97 -24.13 -4.63
C HIS A 154 -0.81 -22.76 -5.31
N LEU A 155 0.43 -22.24 -5.34
CA LEU A 155 0.70 -20.97 -6.01
C LEU A 155 0.22 -21.01 -7.45
N LEU A 156 0.52 -22.10 -8.15
CA LEU A 156 0.10 -22.26 -9.55
C LEU A 156 -1.42 -22.29 -9.65
N LEU A 157 -2.06 -23.05 -8.75
CA LEU A 157 -3.52 -23.15 -8.74
C LEU A 157 -4.18 -21.80 -8.60
N GLN A 158 -3.45 -20.80 -8.10
CA GLN A 158 -3.98 -19.46 -7.91
C GLN A 158 -3.89 -18.63 -9.18
N GLU A 159 -3.69 -19.27 -10.32
CA GLU A 159 -3.57 -18.54 -11.58
C GLU A 159 -4.64 -18.85 -12.61
N GLY A 160 -5.21 -20.05 -12.61
CA GLY A 160 -6.44 -20.31 -13.33
C GLY A 160 -6.37 -21.12 -14.63
N GLU A 161 -5.29 -21.84 -14.89
CA GLU A 161 -5.28 -22.84 -15.97
C GLU A 161 -6.07 -24.04 -15.47
N THR A 162 -7.40 -23.89 -15.47
CA THR A 162 -8.32 -24.85 -14.91
C THR A 162 -8.10 -26.27 -15.45
N ASP A 163 -7.55 -26.40 -16.67
CA ASP A 163 -7.35 -27.72 -17.23
C ASP A 163 -6.19 -28.47 -16.56
N LYS A 164 -5.31 -27.76 -15.86
CA LYS A 164 -4.22 -28.37 -15.11
C LYS A 164 -4.56 -28.52 -13.63
N ALA A 165 -5.71 -27.99 -13.19
CA ALA A 165 -5.98 -27.83 -11.77
C ALA A 165 -6.02 -29.16 -11.05
N SER A 166 -6.72 -30.13 -11.62
CA SER A 166 -6.83 -31.46 -11.02
C SER A 166 -5.45 -32.10 -10.82
N LEU A 167 -4.59 -32.02 -11.85
CA LEU A 167 -3.25 -32.57 -11.74
C LEU A 167 -2.44 -31.87 -10.65
N TYR A 168 -2.45 -30.52 -10.67
CA TYR A 168 -1.68 -29.75 -9.70
C TYR A 168 -2.13 -30.06 -8.28
N ASN A 169 -3.43 -30.24 -8.08
CA ASN A 169 -3.95 -30.52 -6.76
C ASN A 169 -3.58 -31.92 -6.30
N SER A 170 -3.59 -32.88 -7.23
CA SER A 170 -3.22 -34.26 -6.92
C SER A 170 -1.73 -34.38 -6.60
N LEU A 171 -0.89 -33.63 -7.29
CA LEU A 171 0.55 -33.72 -7.04
C LEU A 171 0.91 -33.07 -5.71
N GLY A 172 0.25 -31.96 -5.36
CA GLY A 172 0.55 -31.33 -4.09
C GLY A 172 0.07 -32.15 -2.91
N LYS A 173 -1.13 -32.71 -3.02
CA LYS A 173 -1.69 -33.54 -1.97
C LYS A 173 -0.80 -34.74 -1.70
N LYS A 174 -0.34 -35.40 -2.76
CA LYS A 174 0.45 -36.61 -2.63
C LYS A 174 1.84 -36.32 -2.07
N LEU A 175 2.43 -35.18 -2.44
CA LEU A 175 3.70 -34.77 -1.84
C LEU A 175 3.56 -34.57 -0.34
N MET A 176 2.47 -33.93 0.09
CA MET A 176 2.25 -33.67 1.51
C MET A 176 1.94 -34.96 2.25
N GLU A 177 1.12 -35.84 1.66
CA GLU A 177 0.86 -37.13 2.29
C GLU A 177 2.16 -37.89 2.53
N GLY A 178 3.15 -37.73 1.64
CA GLY A 178 4.46 -38.36 1.81
C GLY A 178 5.24 -37.90 3.05
N LEU A 179 4.85 -36.79 3.65
CA LEU A 179 5.55 -36.19 4.78
C LEU A 179 4.93 -36.52 6.13
N GLN A 180 3.84 -37.27 6.13
CA GLN A 180 3.21 -37.62 7.39
C GLN A 180 4.13 -38.56 8.19
N PRO A 181 4.10 -38.46 9.53
CA PRO A 181 3.23 -37.56 10.31
C PRO A 181 3.71 -36.12 10.29
N PHE A 182 2.77 -35.18 10.36
CA PHE A 182 3.11 -33.77 10.28
C PHE A 182 3.72 -33.29 11.60
N GLU A 183 4.69 -32.39 11.50
CA GLU A 183 5.45 -31.95 12.65
C GLU A 183 5.03 -30.58 13.17
N ASN A 184 4.28 -29.80 12.39
CA ASN A 184 3.88 -28.48 12.83
C ASN A 184 2.66 -28.02 12.03
N THR A 185 2.13 -26.88 12.44
CA THR A 185 0.89 -26.36 11.87
C THR A 185 1.07 -25.75 10.48
N GLN A 186 2.32 -25.42 10.11
CA GLN A 186 2.61 -24.95 8.76
C GLN A 186 2.46 -26.07 7.73
N GLU A 187 3.01 -27.25 8.05
CA GLU A 187 2.89 -28.38 7.14
C GLU A 187 1.42 -28.78 6.98
N ILE A 188 0.68 -28.83 8.10
CA ILE A 188 -0.74 -29.14 8.04
C ILE A 188 -1.47 -28.11 7.18
N TYR A 189 -1.13 -26.83 7.35
CA TYR A 189 -1.72 -25.79 6.52
C TYR A 189 -1.54 -26.11 5.02
N VAL A 190 -0.29 -26.43 4.62
CA VAL A 190 -0.02 -26.68 3.20
C VAL A 190 -0.91 -27.80 2.68
N TYR A 191 -0.99 -28.89 3.46
CA TYR A 191 -1.82 -30.02 3.09
C TYR A 191 -3.26 -29.58 2.82
N THR A 192 -3.82 -28.73 3.70
CA THR A 192 -5.22 -28.30 3.55
C THR A 192 -5.44 -27.53 2.25
N LEU A 193 -4.39 -26.98 1.64
CA LEU A 193 -4.57 -26.25 0.40
C LEU A 193 -5.04 -27.16 -0.74
N PHE A 194 -4.94 -28.48 -0.60
CA PHE A 194 -5.33 -29.40 -1.66
C PHE A 194 -6.52 -30.26 -1.30
N LEU A 195 -7.19 -29.95 -0.19
CA LEU A 195 -8.23 -30.80 0.37
C LEU A 195 -9.61 -30.17 0.23
N SER A 196 -10.62 -31.03 0.14
CA SER A 196 -11.98 -30.57 0.20
C SER A 196 -12.35 -30.19 1.63
N SER A 197 -13.47 -29.48 1.74
CA SER A 197 -14.00 -29.13 3.05
C SER A 197 -14.26 -30.38 3.88
N LYS A 198 -14.76 -31.46 3.24
CA LYS A 198 -14.98 -32.72 3.96
C LYS A 198 -13.68 -33.30 4.46
N GLU A 199 -12.64 -33.29 3.61
CA GLU A 199 -11.36 -33.85 4.02
C GLU A 199 -10.70 -33.00 5.09
N ILE A 200 -10.81 -31.68 4.98
CA ILE A 200 -10.23 -30.77 5.97
C ILE A 200 -10.77 -31.08 7.37
N GLU A 201 -12.10 -31.24 7.50
CA GLU A 201 -12.66 -31.55 8.82
C GLU A 201 -12.12 -32.88 9.33
N GLN A 202 -12.12 -33.90 8.46
CA GLN A 202 -11.62 -35.22 8.84
C GLN A 202 -10.15 -35.14 9.25
N VAL A 203 -9.33 -34.38 8.52
CA VAL A 203 -7.92 -34.27 8.85
C VAL A 203 -7.72 -33.51 10.16
N LEU A 204 -8.29 -32.29 10.23
CA LEU A 204 -8.06 -31.43 11.39
C LEU A 204 -8.66 -32.01 12.68
N SER A 205 -9.65 -32.90 12.57
CA SER A 205 -10.24 -33.53 13.75
C SER A 205 -9.33 -34.58 14.36
N GLY A 206 -8.30 -35.05 13.64
CA GLY A 206 -7.40 -36.04 14.19
C GLY A 206 -6.03 -35.50 14.56
N VAL A 207 -5.83 -34.19 14.39
CA VAL A 207 -4.53 -33.60 14.67
C VAL A 207 -4.28 -33.63 16.17
N THR A 208 -3.14 -34.20 16.57
CA THR A 208 -2.74 -34.19 17.98
C THR A 208 -2.01 -32.92 18.38
N LEU A 209 -1.28 -32.31 17.45
CA LEU A 209 -0.63 -31.03 17.72
C LEU A 209 -1.68 -29.95 18.02
N PRO A 210 -1.36 -29.01 18.91
CA PRO A 210 -2.27 -27.87 19.10
C PRO A 210 -2.40 -27.07 17.83
N LEU A 211 -3.65 -26.77 17.47
CA LEU A 211 -3.94 -25.95 16.31
C LEU A 211 -3.64 -24.49 16.59
N ASP A 212 -3.17 -23.78 15.57
CA ASP A 212 -3.02 -22.35 15.65
C ASP A 212 -4.32 -21.69 15.18
N LEU A 213 -4.38 -20.35 15.33
CA LEU A 213 -5.59 -19.62 14.97
C LEU A 213 -5.96 -19.87 13.51
N GLU A 214 -4.96 -19.88 12.61
CA GLU A 214 -5.22 -20.10 11.19
C GLU A 214 -6.01 -21.38 10.96
N LEU A 215 -5.60 -22.47 11.62
CA LEU A 215 -6.23 -23.77 11.38
C LEU A 215 -7.54 -23.93 12.14
N LYS A 216 -7.65 -23.28 13.31
CA LYS A 216 -8.93 -23.27 14.03
C LYS A 216 -10.01 -22.61 13.18
N LEU A 217 -9.68 -21.47 12.57
CA LEU A 217 -10.65 -20.80 11.72
C LEU A 217 -11.00 -21.67 10.53
N LEU A 218 -10.00 -22.32 9.94
CA LEU A 218 -10.22 -23.21 8.82
C LEU A 218 -11.07 -24.42 9.23
N TYR A 219 -10.81 -24.95 10.43
CA TYR A 219 -11.59 -26.07 10.92
C TYR A 219 -13.06 -25.68 11.09
N MET A 220 -13.31 -24.48 11.61
CA MET A 220 -14.69 -24.06 11.85
C MET A 220 -15.41 -23.78 10.53
N LYS A 221 -14.70 -23.18 9.58
CA LYS A 221 -15.28 -22.91 8.26
C LYS A 221 -15.64 -24.21 7.55
N ALA A 222 -14.77 -25.21 7.68
CA ALA A 222 -15.03 -26.51 7.06
C ALA A 222 -16.28 -27.16 7.64
N MET A 223 -16.36 -27.25 8.98
CA MET A 223 -17.53 -27.83 9.64
C MET A 223 -18.81 -27.14 9.21
N LYS A 224 -18.77 -25.81 9.11
CA LYS A 224 -19.95 -25.09 8.68
C LYS A 224 -20.34 -25.49 7.26
N GLU A 225 -19.35 -25.53 6.36
CA GLU A 225 -19.61 -25.91 4.97
C GLU A 225 -20.08 -27.36 4.86
N ASN A 226 -19.58 -28.25 5.72
CA ASN A 226 -20.04 -29.63 5.71
C ASN A 226 -21.36 -29.83 6.45
N ALA A 227 -21.92 -28.77 7.05
CA ALA A 227 -23.12 -28.86 7.89
C ALA A 227 -22.89 -29.77 9.09
N SER A 228 -21.65 -29.76 9.61
CA SER A 228 -21.28 -30.53 10.79
C SER A 228 -21.58 -29.71 12.05
N PHE A 229 -22.89 -29.50 12.27
CA PHE A 229 -23.31 -28.50 13.24
C PHE A 229 -23.20 -29.00 14.67
N GLU A 230 -23.31 -30.32 14.88
CA GLU A 230 -23.00 -30.85 16.19
C GLU A 230 -21.53 -30.59 16.52
N ALA A 231 -20.62 -30.96 15.60
CA ALA A 231 -19.20 -30.83 15.88
C ALA A 231 -18.78 -29.38 16.07
N LEU A 232 -19.45 -28.46 15.38
CA LEU A 232 -19.05 -27.06 15.43
C LEU A 232 -19.60 -26.38 16.66
N HIS A 233 -20.81 -26.75 17.09
CA HIS A 233 -21.40 -26.19 18.29
C HIS A 233 -20.59 -26.60 19.50
N ALA A 234 -20.23 -27.88 19.57
CA ALA A 234 -19.33 -28.36 20.60
C ALA A 234 -17.98 -27.64 20.54
N TYR A 235 -17.42 -27.50 19.34
CA TYR A 235 -16.09 -26.90 19.23
C TYR A 235 -16.12 -25.42 19.63
N THR A 236 -17.05 -24.64 19.04
CA THR A 236 -17.14 -23.23 19.36
C THR A 236 -17.44 -23.01 20.85
N GLU A 237 -18.36 -23.80 21.41
CA GLU A 237 -18.67 -23.69 22.83
C GLU A 237 -17.41 -23.87 23.69
N LYS A 238 -16.54 -24.82 23.32
CA LYS A 238 -15.27 -24.97 24.00
C LYS A 238 -14.44 -23.68 23.95
N LEU A 239 -14.26 -23.13 22.74
CA LEU A 239 -13.46 -21.92 22.59
C LEU A 239 -14.02 -20.79 23.43
N LEU A 240 -15.35 -20.63 23.44
CA LEU A 240 -15.98 -19.46 24.01
C LEU A 240 -16.11 -19.54 25.53
N PHE A 241 -16.52 -20.71 26.05
CA PHE A 241 -16.85 -20.84 27.45
C PHE A 241 -15.73 -21.45 28.29
N LYS A 242 -14.70 -22.03 27.67
CA LYS A 242 -13.60 -22.65 28.41
C LYS A 242 -12.21 -22.15 28.03
N GLU A 243 -12.04 -21.46 26.90
CA GLU A 243 -10.72 -21.02 26.46
C GLU A 243 -10.65 -19.50 26.27
N LYS A 244 -11.62 -18.78 26.86
CA LYS A 244 -11.72 -17.32 26.88
C LYS A 244 -11.26 -16.69 25.57
N PHE A 245 -11.87 -17.15 24.49
CA PHE A 245 -11.57 -16.59 23.19
C PHE A 245 -12.35 -15.29 22.96
N ASP A 246 -13.66 -15.30 23.18
CA ASP A 246 -14.52 -14.10 23.09
C ASP A 246 -14.43 -13.46 21.71
N ASP A 247 -14.89 -14.22 20.72
CA ASP A 247 -14.68 -13.93 19.30
C ASP A 247 -16.04 -13.89 18.60
N PHE A 248 -16.39 -12.72 18.04
CA PHE A 248 -17.74 -12.53 17.52
C PHE A 248 -18.07 -13.55 16.44
N ASP A 249 -17.17 -13.72 15.47
CA ASP A 249 -17.39 -14.70 14.41
C ASP A 249 -17.64 -16.10 15.00
N THR A 250 -16.91 -16.44 16.07
CA THR A 250 -17.10 -17.73 16.72
C THR A 250 -18.42 -17.80 17.48
N TRP A 251 -18.88 -16.66 18.02
CA TRP A 251 -20.18 -16.62 18.68
C TRP A 251 -21.30 -16.86 17.69
N LYS A 252 -21.19 -16.26 16.50
CA LYS A 252 -22.24 -16.41 15.49
C LYS A 252 -22.36 -17.85 15.03
N LEU A 253 -21.21 -18.50 14.80
CA LEU A 253 -21.23 -19.92 14.46
C LEU A 253 -21.84 -20.74 15.59
N TRP A 254 -21.63 -20.33 16.85
CA TRP A 254 -22.16 -21.07 17.98
C TRP A 254 -23.69 -21.03 18.04
N ILE A 255 -24.29 -19.87 17.76
CA ILE A 255 -25.76 -19.80 17.77
C ILE A 255 -26.33 -20.41 16.50
N LEU A 256 -25.64 -20.24 15.38
CA LEU A 256 -26.06 -20.90 14.15
C LEU A 256 -26.13 -22.40 14.34
N SER A 257 -24.99 -23.02 14.70
CA SER A 257 -24.97 -24.46 14.88
C SER A 257 -25.90 -24.89 16.00
N GLY A 258 -26.05 -24.07 17.04
CA GLY A 258 -26.98 -24.39 18.10
C GLY A 258 -28.40 -24.55 17.61
N LYS A 259 -28.87 -23.62 16.78
CA LYS A 259 -30.21 -23.75 16.21
C LYS A 259 -30.27 -24.96 15.29
N GLU A 260 -29.21 -25.19 14.50
CA GLU A 260 -29.24 -26.27 13.52
C GLU A 260 -29.43 -27.63 14.20
N ILE A 261 -28.89 -27.80 15.41
CA ILE A 261 -28.99 -29.08 16.12
C ILE A 261 -30.19 -29.10 17.05
N GLY A 262 -31.07 -28.09 16.95
CA GLY A 262 -32.36 -28.11 17.62
C GLY A 262 -32.44 -27.38 18.95
N LYS A 263 -31.42 -26.60 19.32
CA LYS A 263 -31.46 -25.89 20.59
C LYS A 263 -32.52 -24.80 20.55
N SER A 264 -33.19 -24.59 21.69
CA SER A 264 -34.17 -23.52 21.78
C SER A 264 -33.48 -22.16 21.92
N PHE A 265 -34.23 -21.10 21.61
CA PHE A 265 -33.76 -19.75 21.86
C PHE A 265 -33.35 -19.59 23.31
N GLU A 266 -34.22 -20.02 24.23
CA GLU A 266 -33.95 -19.89 25.66
C GLU A 266 -32.69 -20.63 26.07
N GLU A 267 -32.47 -21.83 25.51
CA GLU A 267 -31.27 -22.60 25.82
C GLU A 267 -30.02 -21.80 25.50
N LEU A 268 -30.01 -21.10 24.36
CA LEU A 268 -28.85 -20.31 23.98
C LEU A 268 -28.73 -19.05 24.85
N ASP A 269 -29.83 -18.30 24.96
CA ASP A 269 -29.82 -17.01 25.67
C ASP A 269 -29.45 -17.16 27.15
N GLN A 270 -29.80 -18.29 27.78
CA GLN A 270 -29.48 -18.47 29.19
C GLN A 270 -27.97 -18.56 29.42
N LYS A 271 -27.20 -18.95 28.40
CA LYS A 271 -25.75 -18.93 28.48
C LYS A 271 -25.15 -17.57 28.18
N LEU A 272 -25.97 -16.57 27.86
CA LEU A 272 -25.49 -15.24 27.50
C LEU A 272 -25.69 -14.28 28.67
N THR A 273 -24.88 -14.47 29.70
CA THR A 273 -25.08 -13.82 31.00
C THR A 273 -24.21 -12.58 31.19
N LEU A 274 -23.05 -12.49 30.54
CA LEU A 274 -22.08 -11.42 30.68
C LEU A 274 -22.44 -10.25 29.76
N PRO A 275 -22.50 -9.03 30.27
CA PRO A 275 -22.91 -7.89 29.42
C PRO A 275 -21.79 -7.37 28.53
N THR A 276 -21.02 -8.27 27.92
CA THR A 276 -19.94 -7.85 27.05
C THR A 276 -20.49 -7.27 25.75
N ARG A 277 -19.63 -6.52 25.05
CA ARG A 277 -19.99 -5.97 23.76
C ARG A 277 -20.44 -7.07 22.80
N ASN A 278 -19.60 -8.09 22.62
CA ASN A 278 -19.90 -9.12 21.63
C ASN A 278 -21.19 -9.86 21.95
N ILE A 279 -21.46 -10.09 23.23
CA ILE A 279 -22.69 -10.78 23.61
C ILE A 279 -23.89 -9.87 23.43
N SER A 280 -23.71 -8.57 23.64
CA SER A 280 -24.81 -7.63 23.46
C SER A 280 -25.22 -7.56 22.01
N LEU A 281 -24.24 -7.54 21.10
CA LEU A 281 -24.56 -7.59 19.67
C LEU A 281 -25.10 -8.95 19.29
N LEU A 282 -24.58 -10.01 19.92
CA LEU A 282 -25.01 -11.36 19.57
C LEU A 282 -26.50 -11.55 19.83
N LYS A 283 -27.00 -10.92 20.90
CA LYS A 283 -28.42 -11.02 21.24
C LYS A 283 -29.29 -10.48 20.11
N ILE A 284 -28.80 -9.45 19.41
CA ILE A 284 -29.46 -9.00 18.18
C ILE A 284 -29.38 -10.08 17.11
N GLU A 285 -28.19 -10.65 16.93
CA GLU A 285 -28.00 -11.71 15.95
C GLU A 285 -28.84 -12.94 16.30
N LEU A 286 -29.10 -13.15 17.60
CA LEU A 286 -29.87 -14.32 18.01
C LEU A 286 -31.37 -14.09 17.79
N ASP A 287 -31.84 -12.85 17.98
CA ASP A 287 -33.21 -12.52 17.63
C ASP A 287 -33.47 -12.74 16.14
N ILE A 288 -32.57 -12.25 15.28
CA ILE A 288 -32.70 -12.45 13.85
C ILE A 288 -32.75 -13.93 13.51
N LEU A 289 -31.84 -14.71 14.12
CA LEU A 289 -31.73 -16.13 13.82
C LEU A 289 -33.00 -16.90 14.18
N TYR A 290 -33.75 -16.43 15.17
CA TYR A 290 -34.97 -17.11 15.61
C TYR A 290 -36.21 -16.32 15.22
N SER A 291 -36.09 -15.45 14.22
CA SER A 291 -37.22 -14.71 13.66
C SER A 291 -38.03 -13.99 14.75
N ARG A 292 -37.31 -13.37 15.68
CA ARG A 292 -37.88 -12.60 16.78
C ARG A 292 -37.65 -11.10 16.55
N ASN A 293 -38.25 -10.29 17.43
CA ASN A 293 -38.20 -8.84 17.31
C ASN A 293 -36.86 -8.28 17.79
N ILE A 294 -36.27 -7.41 16.96
CA ILE A 294 -34.95 -6.83 17.20
C ILE A 294 -34.94 -5.82 18.35
N GLU A 295 -36.10 -5.23 18.67
CA GLU A 295 -36.15 -3.93 19.34
C GLU A 295 -35.43 -3.92 20.69
N THR A 296 -35.82 -4.82 21.60
CA THR A 296 -35.32 -4.74 22.97
C THR A 296 -33.82 -4.96 23.03
N SER A 297 -33.28 -5.85 22.19
CA SER A 297 -31.85 -6.09 22.21
C SER A 297 -31.07 -4.96 21.55
N VAL A 298 -31.70 -4.22 20.62
CA VAL A 298 -31.06 -3.00 20.12
C VAL A 298 -31.01 -1.95 21.22
N GLU A 299 -32.13 -1.76 21.93
CA GLU A 299 -32.16 -0.80 23.02
C GLU A 299 -31.17 -1.15 24.12
N ASN A 300 -31.01 -2.45 24.41
CA ASN A 300 -30.09 -2.87 25.48
C ASN A 300 -28.64 -2.63 25.07
N TYR A 301 -28.31 -2.86 23.80
CA TYR A 301 -26.95 -2.54 23.35
C TYR A 301 -26.68 -1.05 23.44
N TYR A 302 -27.66 -0.23 23.02
CA TYR A 302 -27.49 1.21 23.01
C TYR A 302 -27.32 1.76 24.43
N GLN A 303 -28.07 1.21 25.39
CA GLN A 303 -27.97 1.71 26.76
C GLN A 303 -26.61 1.41 27.37
N LYS A 304 -26.00 0.30 26.97
CA LYS A 304 -24.70 -0.06 27.48
C LYS A 304 -23.57 0.63 26.74
N PHE A 305 -23.77 0.99 25.46
CA PHE A 305 -22.65 1.43 24.63
C PHE A 305 -22.84 2.79 23.94
N ASN A 306 -23.84 3.58 24.33
CA ASN A 306 -24.01 4.89 23.68
C ASN A 306 -22.89 5.88 24.04
N THR A 307 -22.22 5.70 25.18
CA THR A 307 -21.06 6.50 25.54
C THR A 307 -19.79 6.06 24.82
N LYS A 308 -19.89 5.09 23.91
CA LYS A 308 -18.75 4.56 23.18
C LYS A 308 -18.87 4.92 21.70
N LEU A 309 -17.74 5.33 21.12
CA LEU A 309 -17.76 5.75 19.73
C LEU A 309 -18.13 4.62 18.78
N CYS A 310 -18.07 3.37 19.25
CA CYS A 310 -18.42 2.22 18.42
C CYS A 310 -19.91 2.09 18.17
N CYS A 311 -20.78 2.69 19.03
CA CYS A 311 -22.19 2.33 19.05
C CYS A 311 -22.83 2.39 17.65
N TYR A 312 -22.67 3.51 16.97
CA TYR A 312 -23.33 3.70 15.67
C TYR A 312 -22.91 2.65 14.66
N ALA A 313 -21.59 2.43 14.53
CA ALA A 313 -21.11 1.48 13.53
C ALA A 313 -21.58 0.06 13.84
N ASP A 314 -21.70 -0.27 15.12
CA ASP A 314 -22.18 -1.59 15.51
C ASP A 314 -23.67 -1.77 15.17
N LEU A 315 -24.51 -0.75 15.43
CA LEU A 315 -25.96 -0.92 15.24
C LEU A 315 -26.41 -0.67 13.80
N SER A 316 -25.82 0.32 13.14
CA SER A 316 -26.28 0.73 11.82
C SER A 316 -26.14 -0.37 10.78
N GLN A 317 -25.41 -1.43 11.09
CA GLN A 317 -25.33 -2.57 10.18
C GLN A 317 -26.61 -3.42 10.22
N TYR A 318 -27.44 -3.24 11.22
CA TYR A 318 -28.74 -3.89 11.29
C TYR A 318 -29.81 -2.95 10.77
N GLU A 319 -31.01 -3.49 10.57
CA GLU A 319 -32.16 -2.71 10.14
C GLU A 319 -32.87 -2.26 11.42
N LEU A 320 -32.64 -1.01 11.77
CA LEU A 320 -33.10 -0.52 13.06
C LEU A 320 -34.58 -0.15 12.98
N PRO A 321 -35.36 -0.52 13.99
CA PRO A 321 -36.77 -0.16 14.01
C PRO A 321 -36.95 1.36 14.11
N THR A 322 -37.99 1.86 13.45
CA THR A 322 -38.26 3.30 13.44
C THR A 322 -38.64 3.82 14.83
N SER A 323 -39.05 2.94 15.74
CA SER A 323 -39.33 3.36 17.11
C SER A 323 -38.05 3.70 17.87
N PHE A 324 -36.99 2.92 17.68
CA PHE A 324 -35.73 3.19 18.37
C PHE A 324 -35.16 4.54 17.95
N ILE A 325 -35.17 4.82 16.65
CA ILE A 325 -34.69 6.08 16.13
C ILE A 325 -35.58 7.23 16.60
N GLY A 326 -36.86 6.96 16.81
CA GLY A 326 -37.77 7.99 17.29
C GLY A 326 -37.32 8.65 18.57
N SER A 327 -36.53 7.94 19.39
CA SER A 327 -35.88 8.56 20.52
C SER A 327 -34.78 9.51 20.05
N LEU A 328 -35.15 10.48 19.20
CA LEU A 328 -34.32 11.61 18.81
C LEU A 328 -34.75 12.89 19.53
N LYS A 329 -35.32 12.76 20.71
CA LYS A 329 -35.89 13.88 21.45
C LYS A 329 -34.96 14.25 22.60
N ASN A 330 -34.25 15.37 22.44
CA ASN A 330 -33.42 16.00 23.48
C ASN A 330 -32.28 15.11 23.95
N GLU A 334 -27.68 16.31 24.87
CA GLU A 334 -27.41 15.53 26.08
C GLU A 334 -26.07 15.93 26.70
N GLU A 335 -25.70 15.28 27.80
CA GLU A 335 -24.51 15.67 28.55
C GLU A 335 -23.26 14.96 28.07
N ASN A 336 -23.36 13.70 27.67
CA ASN A 336 -22.21 12.92 27.23
C ASN A 336 -21.99 13.14 25.74
N LEU A 337 -20.83 13.72 25.41
CA LEU A 337 -20.52 14.12 24.05
C LEU A 337 -20.69 12.97 23.07
N ILE A 338 -20.14 11.79 23.40
CA ILE A 338 -20.19 10.65 22.48
C ILE A 338 -21.62 10.12 22.32
N THR A 339 -22.44 10.16 23.38
CA THR A 339 -23.86 9.89 23.23
C THR A 339 -24.46 10.79 22.15
N VAL A 340 -24.11 12.08 22.17
CA VAL A 340 -24.64 13.01 21.18
C VAL A 340 -24.11 12.68 19.79
N VAL A 341 -22.83 12.33 19.70
CA VAL A 341 -22.23 11.99 18.41
C VAL A 341 -22.98 10.81 17.78
N ASN A 342 -23.23 9.77 18.56
CA ASN A 342 -23.94 8.60 18.05
C ASN A 342 -25.36 8.98 17.63
N ASN A 343 -26.06 9.73 18.48
CA ASN A 343 -27.44 10.13 18.18
C ASN A 343 -27.51 10.96 16.91
N ARG A 344 -26.59 11.91 16.73
CA ARG A 344 -26.59 12.72 15.51
C ARG A 344 -26.30 11.88 14.28
N LYS A 345 -25.48 10.83 14.44
CA LYS A 345 -25.24 9.90 13.34
C LYS A 345 -26.49 9.07 13.05
N PHE A 346 -27.17 8.59 14.10
CA PHE A 346 -28.35 7.76 13.89
C PHE A 346 -29.41 8.53 13.10
N VAL A 347 -29.62 9.81 13.41
CA VAL A 347 -30.64 10.62 12.73
C VAL A 347 -30.05 11.30 11.51
N ASN A 348 -28.83 10.92 11.13
CA ASN A 348 -28.04 11.55 10.08
C ASN A 348 -28.23 13.06 10.01
N GLN A 349 -27.84 13.73 11.09
CA GLN A 349 -27.91 15.19 11.14
C GLN A 349 -26.55 15.75 10.77
N THR A 350 -26.56 16.71 9.84
CA THR A 350 -25.34 17.32 9.33
C THR A 350 -25.09 18.73 9.87
N ASP A 351 -26.04 19.32 10.58
CA ASP A 351 -25.87 20.66 11.16
C ASP A 351 -25.51 20.49 12.63
N ASN A 352 -24.21 20.54 12.92
CA ASN A 352 -23.70 20.12 14.22
C ASN A 352 -22.79 21.14 14.90
N TRP A 353 -22.76 22.39 14.41
CA TRP A 353 -21.96 23.41 15.08
C TRP A 353 -22.44 23.67 16.51
N ASP A 354 -23.74 23.45 16.77
CA ASP A 354 -24.25 23.66 18.12
C ASP A 354 -23.54 22.74 19.10
N VAL A 355 -23.25 21.50 18.69
CA VAL A 355 -22.56 20.57 19.59
C VAL A 355 -21.10 20.93 19.67
N TYR A 356 -20.49 21.29 18.54
CA TYR A 356 -19.12 21.82 18.54
C TYR A 356 -18.97 22.96 19.55
N GLU A 357 -19.90 23.91 19.55
CA GLU A 357 -19.78 25.05 20.47
C GLU A 357 -19.84 24.61 21.92
N ARG A 358 -20.44 23.46 22.22
CA ARG A 358 -20.50 22.95 23.58
C ARG A 358 -19.29 22.11 23.96
N PHE A 359 -18.51 21.66 22.99
CA PHE A 359 -17.34 20.82 23.26
C PHE A 359 -16.17 21.19 22.34
N SER A 360 -15.92 22.49 22.15
CA SER A 360 -14.83 22.93 21.27
C SER A 360 -13.47 22.70 21.87
N THR A 361 -13.40 22.60 23.20
CA THR A 361 -12.13 22.48 23.90
C THR A 361 -11.69 21.03 23.92
N LYS A 362 -10.45 20.81 23.50
CA LYS A 362 -9.85 19.49 23.59
C LYS A 362 -9.63 19.11 25.04
N GLU A 363 -10.06 17.91 25.41
CA GLU A 363 -9.93 17.42 26.77
C GLU A 363 -9.45 15.97 26.71
N GLY A 364 -9.08 15.44 27.87
CA GLY A 364 -8.62 14.07 27.94
C GLY A 364 -7.17 13.93 27.49
N ALA A 365 -6.87 12.75 26.92
CA ALA A 365 -5.50 12.42 26.56
C ALA A 365 -5.01 13.27 25.39
N GLU A 366 -3.78 13.78 25.49
CA GLU A 366 -3.31 14.80 24.55
C GLU A 366 -3.27 14.29 23.13
N TYR A 367 -3.03 13.00 22.93
CA TYR A 367 -2.91 12.43 21.60
C TYR A 367 -4.21 11.79 21.10
N ASP A 368 -5.31 11.99 21.83
CA ASP A 368 -6.62 11.56 21.37
C ASP A 368 -7.26 12.64 20.50
N SER A 369 -8.03 12.21 19.51
CA SER A 369 -8.84 13.16 18.77
C SER A 369 -10.09 13.53 19.57
N ASN A 370 -10.65 14.69 19.27
CA ASN A 370 -11.86 15.14 19.92
C ASN A 370 -13.07 14.57 19.18
N PRO A 371 -13.89 13.75 19.82
CA PRO A 371 -15.01 13.13 19.10
C PRO A 371 -15.97 14.12 18.45
N VAL A 372 -16.00 15.38 18.89
CA VAL A 372 -16.87 16.38 18.24
C VAL A 372 -16.54 16.51 16.76
N ASN A 373 -15.29 16.26 16.39
CA ASN A 373 -14.88 16.49 15.02
C ASN A 373 -15.25 15.34 14.11
N GLU A 374 -15.89 14.30 14.67
CA GLU A 374 -16.64 13.35 13.85
C GLU A 374 -17.87 14.04 13.27
N LEU A 375 -18.52 14.89 14.08
CA LEU A 375 -19.69 15.64 13.65
C LEU A 375 -19.30 16.81 12.75
N THR A 376 -18.27 17.56 13.14
CA THR A 376 -17.88 18.74 12.36
C THR A 376 -17.39 18.35 10.97
N LEU A 377 -16.63 17.25 10.86
CA LEU A 377 -16.17 16.81 9.55
C LEU A 377 -17.34 16.44 8.65
N ARG A 378 -18.31 15.70 9.19
CA ARG A 378 -19.55 15.43 8.45
C ARG A 378 -20.23 16.72 8.01
N THR A 379 -20.30 17.71 8.90
CA THR A 379 -20.87 18.99 8.49
C THR A 379 -20.04 19.62 7.40
N ILE A 380 -18.71 19.58 7.53
CA ILE A 380 -17.87 20.22 6.53
C ILE A 380 -17.99 19.49 5.20
N VAL A 381 -17.97 18.15 5.23
CA VAL A 381 -18.00 17.39 3.98
C VAL A 381 -19.32 17.62 3.25
N SER A 382 -20.43 17.64 4.00
CA SER A 382 -21.75 17.89 3.40
C SER A 382 -21.84 19.27 2.79
N ASP A 383 -21.06 20.22 3.28
CA ASP A 383 -21.12 21.59 2.79
C ASP A 383 -20.26 21.82 1.54
N LEU A 384 -19.37 20.88 1.19
CA LEU A 384 -18.42 21.10 0.09
C LEU A 384 -19.15 21.11 -1.24
N ASP A 385 -18.94 22.17 -2.02
CA ASP A 385 -19.62 22.32 -3.31
C ASP A 385 -18.67 22.59 -4.48
N SER A 386 -17.35 22.56 -4.25
CA SER A 386 -16.27 22.75 -5.22
C SER A 386 -16.09 24.20 -5.64
N SER A 387 -16.96 25.12 -5.24
CA SER A 387 -16.70 26.52 -5.49
C SER A 387 -15.49 26.97 -4.67
N PRO A 388 -14.59 27.79 -5.24
CA PRO A 388 -13.35 28.15 -4.52
C PRO A 388 -13.58 28.93 -3.23
N GLN A 389 -14.63 29.75 -3.15
CA GLN A 389 -15.00 30.40 -1.90
C GLN A 389 -15.39 29.37 -0.83
N ASN A 390 -16.13 28.34 -1.23
CA ASN A 390 -16.51 27.32 -0.25
C ASN A 390 -15.29 26.53 0.20
N THR A 391 -14.38 26.25 -0.73
CA THR A 391 -13.17 25.50 -0.42
C THR A 391 -12.29 26.27 0.55
N ILE A 392 -12.14 27.58 0.31
CA ILE A 392 -11.32 28.41 1.18
C ILE A 392 -11.98 28.55 2.55
N LYS A 393 -13.29 28.76 2.59
CA LYS A 393 -13.99 28.84 3.86
C LYS A 393 -13.74 27.59 4.69
N ASN A 394 -13.86 26.42 4.06
CA ASN A 394 -13.71 25.18 4.81
C ASN A 394 -12.25 24.87 5.12
N ILE A 395 -11.30 25.36 4.31
CA ILE A 395 -9.90 25.34 4.72
C ILE A 395 -9.72 26.08 6.06
N VAL A 396 -10.35 27.25 6.19
CA VAL A 396 -10.26 28.02 7.43
C VAL A 396 -10.85 27.23 8.60
N LEU A 397 -11.94 26.50 8.35
CA LEU A 397 -12.57 25.76 9.43
C LEU A 397 -11.73 24.54 9.84
N LEU A 398 -11.19 23.82 8.86
CA LEU A 398 -10.33 22.67 9.16
C LEU A 398 -9.11 23.08 9.98
N LYS A 399 -8.39 24.12 9.52
CA LYS A 399 -7.25 24.65 10.27
C LYS A 399 -7.66 25.06 11.67
N HIS A 400 -8.84 25.67 11.83
CA HIS A 400 -9.25 26.10 13.15
C HIS A 400 -9.46 24.93 14.08
N LEU A 401 -10.16 23.90 13.59
CA LEU A 401 -10.34 22.67 14.35
C LEU A 401 -9.00 22.02 14.71
N LEU A 402 -8.03 22.05 13.78
CA LEU A 402 -6.75 21.40 14.01
C LEU A 402 -5.89 22.12 15.03
N GLU A 403 -6.18 23.41 15.33
CA GLU A 403 -5.46 24.13 16.37
C GLU A 403 -5.64 23.46 17.73
N GLN A 404 -6.85 23.01 18.02
CA GLN A 404 -7.19 22.37 19.27
C GLN A 404 -7.16 20.84 19.17
N ASP A 405 -7.41 20.29 17.98
CA ASP A 405 -7.41 18.85 17.74
C ASP A 405 -6.25 18.51 16.79
N LYS A 406 -5.03 18.59 17.33
CA LYS A 406 -3.81 18.78 16.54
C LYS A 406 -3.35 17.53 15.79
N TYR A 407 -3.77 16.33 16.21
CA TYR A 407 -3.33 15.10 15.55
C TYR A 407 -4.48 14.38 14.86
N ASN A 408 -5.61 15.06 14.64
CA ASN A 408 -6.73 14.42 13.95
C ASN A 408 -6.36 14.25 12.50
N TYR A 409 -6.08 13.02 12.10
CA TYR A 409 -5.57 12.77 10.77
C TYR A 409 -6.64 12.97 9.70
N LYS A 410 -7.90 12.63 10.00
CA LYS A 410 -8.93 12.80 8.98
C LYS A 410 -9.06 14.26 8.59
N LEU A 411 -9.01 15.16 9.57
CA LEU A 411 -9.06 16.58 9.25
C LEU A 411 -7.86 16.98 8.41
N LYS A 412 -6.68 16.42 8.73
CA LYS A 412 -5.46 16.71 7.97
C LYS A 412 -5.57 16.23 6.53
N LEU A 413 -6.08 15.01 6.33
CA LEU A 413 -6.20 14.50 4.96
C LEU A 413 -7.13 15.37 4.15
N TRP A 414 -8.25 15.79 4.74
CA TRP A 414 -9.21 16.62 4.03
C TRP A 414 -8.61 17.99 3.71
N LEU A 415 -7.86 18.56 4.66
CA LEU A 415 -7.19 19.82 4.41
C LEU A 415 -6.29 19.74 3.18
N MET A 416 -5.56 18.62 3.02
CA MET A 416 -4.74 18.43 1.83
C MET A 416 -5.61 18.32 0.58
N LYS A 417 -6.76 17.61 0.67
CA LYS A 417 -7.66 17.50 -0.48
C LYS A 417 -8.16 18.87 -0.93
N LEU A 418 -8.56 19.72 0.03
CA LEU A 418 -9.04 21.05 -0.32
C LEU A 418 -7.93 21.88 -0.98
N TYR A 419 -6.73 21.89 -0.37
CA TYR A 419 -5.59 22.59 -0.96
C TYR A 419 -5.29 22.06 -2.35
N SER A 420 -5.59 20.78 -2.60
CA SER A 420 -5.33 20.18 -3.91
C SER A 420 -6.27 20.72 -4.97
N GLN A 421 -7.31 21.45 -4.58
CA GLN A 421 -8.25 22.10 -5.49
C GLN A 421 -7.77 23.46 -5.97
N LEU A 422 -6.75 24.00 -5.34
CA LEU A 422 -6.28 25.36 -5.57
C LEU A 422 -4.85 25.31 -6.10
N ASN A 423 -4.32 26.49 -6.44
CA ASN A 423 -2.93 26.66 -6.84
C ASN A 423 -2.02 26.91 -5.65
N THR A 424 -2.50 26.58 -4.43
CA THR A 424 -1.74 26.69 -3.19
C THR A 424 -0.85 25.45 -2.98
N ASN A 425 -0.02 25.16 -4.00
CA ASN A 425 0.72 23.90 -4.03
C ASN A 425 1.84 23.87 -3.00
N ASP A 426 2.13 25.03 -2.44
CA ASP A 426 3.13 25.28 -1.41
C ASP A 426 2.86 24.54 -0.10
N LEU A 427 1.58 24.25 0.18
CA LEU A 427 1.08 24.10 1.56
C LEU A 427 0.70 22.67 1.92
N ILE A 428 0.88 21.72 1.02
CA ILE A 428 0.46 20.34 1.28
C ILE A 428 1.56 19.55 2.01
N PHE A 429 2.80 19.65 1.53
CA PHE A 429 3.92 18.90 2.13
C PHE A 429 4.06 19.09 3.63
N PRO A 430 3.88 20.28 4.20
CA PRO A 430 4.00 20.39 5.67
C PRO A 430 3.00 19.52 6.42
N ILE A 431 1.79 19.37 5.86
CA ILE A 431 0.75 18.56 6.50
C ILE A 431 1.10 17.08 6.40
N TYR A 432 1.44 16.64 5.18
CA TYR A 432 1.87 15.27 4.90
C TYR A 432 3.01 14.85 5.82
N ASN A 433 4.02 15.71 5.95
CA ASN A 433 5.16 15.41 6.81
C ASN A 433 4.82 15.49 8.30
N GLY A 434 3.87 16.35 8.69
CA GLY A 434 3.42 16.38 10.08
C GLY A 434 2.65 15.13 10.49
N LEU A 435 2.17 14.35 9.51
CA LEU A 435 1.54 13.06 9.75
C LEU A 435 2.56 11.93 9.88
N LYS A 436 3.85 12.25 9.66
CA LYS A 436 4.96 11.30 9.77
C LYS A 436 4.72 10.05 8.92
N ILE A 437 4.16 10.28 7.72
CA ILE A 437 4.09 9.25 6.69
C ILE A 437 5.49 8.73 6.43
N ARG A 438 5.63 7.41 6.46
CA ARG A 438 6.93 6.82 6.17
C ARG A 438 6.71 5.43 5.60
N MET A 439 7.68 4.98 4.81
CA MET A 439 7.72 3.62 4.28
C MET A 439 6.40 3.32 3.54
N THR A 440 5.72 2.22 3.84
CA THR A 440 4.62 1.76 3.01
C THR A 440 3.49 2.80 2.89
N GLN A 441 3.36 3.69 3.87
CA GLN A 441 2.35 4.74 3.77
C GLN A 441 2.59 5.64 2.56
N HIS A 442 3.84 5.78 2.11
CA HIS A 442 4.07 6.54 0.87
C HIS A 442 3.39 5.85 -0.31
N GLU A 443 3.39 4.52 -0.34
CA GLU A 443 2.77 3.83 -1.46
C GLU A 443 1.26 4.06 -1.47
N THR A 444 0.65 4.25 -0.29
CA THR A 444 -0.80 4.41 -0.22
C THR A 444 -1.27 5.86 -0.16
N LEU A 445 -0.39 6.82 0.20
CA LEU A 445 -0.80 8.21 0.47
C LEU A 445 -0.09 9.26 -0.39
N ASN A 446 0.96 8.88 -1.09
CA ASN A 446 1.70 9.62 -2.09
C ASN A 446 0.87 10.63 -2.89
N TYR A 447 -0.25 10.14 -3.40
CA TYR A 447 -1.06 10.88 -4.36
C TYR A 447 -1.60 12.18 -3.76
N TYR A 448 -1.63 12.29 -2.42
CA TYR A 448 -1.96 13.56 -1.79
C TYR A 448 -0.98 14.66 -2.16
N LEU A 449 0.21 14.30 -2.64
CA LEU A 449 1.23 15.26 -3.06
C LEU A 449 1.17 15.56 -4.56
N THR A 450 0.15 15.06 -5.25
CA THR A 450 0.04 15.19 -6.71
C THR A 450 0.30 16.62 -7.19
N THR A 451 -0.31 17.61 -6.54
CA THR A 451 -0.28 19.00 -7.00
C THR A 451 0.86 19.81 -6.41
N THR A 452 1.71 19.21 -5.58
CA THR A 452 2.83 19.93 -4.99
C THR A 452 3.74 20.51 -6.08
N ASN A 453 4.32 21.69 -5.75
CA ASN A 453 5.11 22.55 -6.62
C ASN A 453 6.51 22.00 -6.87
N PRO A 454 7.09 22.28 -8.06
CA PRO A 454 8.41 21.73 -8.44
C PRO A 454 9.56 22.50 -7.80
N SER A 455 9.65 22.42 -6.47
CA SER A 455 10.78 23.00 -5.76
C SER A 455 11.87 21.95 -5.55
N LYS A 456 13.07 22.43 -5.19
CA LYS A 456 14.21 21.56 -4.91
C LYS A 456 13.99 20.76 -3.62
N ILE A 457 13.42 21.42 -2.60
CA ILE A 457 13.10 20.72 -1.35
C ILE A 457 12.10 19.60 -1.61
N ASN A 458 11.09 19.86 -2.43
CA ASN A 458 10.12 18.82 -2.76
C ASN A 458 10.78 17.71 -3.58
N LEU A 459 11.67 18.07 -4.52
CA LEU A 459 12.40 17.08 -5.29
C LEU A 459 13.17 16.13 -4.38
N ASP A 460 13.91 16.68 -3.42
CA ASP A 460 14.65 15.84 -2.48
C ASP A 460 13.72 14.98 -1.64
N ALA A 461 12.54 15.49 -1.32
CA ALA A 461 11.55 14.66 -0.61
C ALA A 461 11.07 13.51 -1.48
N TRP A 462 10.84 13.78 -2.78
CA TRP A 462 10.42 12.72 -3.69
C TRP A 462 11.50 11.64 -3.84
N VAL A 463 12.76 12.04 -3.95
CA VAL A 463 13.85 11.08 -4.01
C VAL A 463 13.85 10.22 -2.75
N ASP A 464 13.54 10.85 -1.61
CA ASP A 464 13.46 10.12 -0.36
C ASP A 464 12.34 9.08 -0.41
N ILE A 465 11.21 9.45 -1.00
CA ILE A 465 10.12 8.51 -1.22
C ILE A 465 10.57 7.37 -2.13
N TYR A 466 11.32 7.69 -3.20
CA TYR A 466 11.85 6.65 -4.07
C TYR A 466 12.81 5.71 -3.33
N ARG A 467 13.59 6.23 -2.38
CA ARG A 467 14.49 5.36 -1.60
C ARG A 467 13.72 4.38 -0.72
N PHE A 468 12.51 4.76 -0.28
CA PHE A 468 11.63 3.80 0.39
C PHE A 468 11.31 2.64 -0.55
N TYR A 469 10.97 2.96 -1.81
CA TYR A 469 10.70 1.92 -2.81
C TYR A 469 11.91 1.01 -3.01
N LEU A 470 13.11 1.59 -3.06
CA LEU A 470 14.33 0.77 -3.18
C LEU A 470 14.49 -0.14 -1.95
N THR A 471 14.22 0.40 -0.77
CA THR A 471 14.36 -0.35 0.48
C THR A 471 13.32 -1.47 0.60
N SER A 472 12.07 -1.17 0.27
CA SER A 472 11.00 -2.15 0.35
C SER A 472 11.23 -3.31 -0.63
N LYS A 473 11.65 -2.99 -1.86
CA LYS A 473 11.96 -4.02 -2.84
C LYS A 473 12.98 -5.02 -2.31
N GLN A 474 14.04 -4.53 -1.67
CA GLN A 474 15.06 -5.43 -1.14
C GLN A 474 14.61 -6.14 0.12
N GLU A 475 13.82 -5.47 0.97
CA GLU A 475 13.35 -6.10 2.20
C GLU A 475 12.35 -7.21 1.91
N ILE A 476 11.42 -7.01 0.96
CA ILE A 476 10.42 -8.04 0.70
C ILE A 476 11.03 -9.25 0.01
N LYS A 477 12.01 -9.03 -0.88
CA LYS A 477 12.72 -10.16 -1.48
C LYS A 477 13.34 -11.03 -0.40
N GLU A 478 14.06 -10.42 0.55
CA GLU A 478 14.67 -11.16 1.65
C GLU A 478 13.63 -11.85 2.52
N SER A 479 12.50 -11.17 2.78
CA SER A 479 11.39 -11.79 3.50
C SER A 479 10.90 -13.06 2.81
N ILE A 480 10.79 -13.03 1.48
CA ILE A 480 10.37 -14.21 0.73
C ILE A 480 11.40 -15.34 0.85
N ILE A 481 12.69 -15.00 0.83
CA ILE A 481 13.74 -16.01 0.94
C ILE A 481 13.72 -16.63 2.33
N GLN A 482 13.64 -15.80 3.35
CA GLN A 482 13.61 -16.29 4.73
C GLN A 482 12.32 -17.02 5.04
N GLY A 483 11.20 -16.53 4.51
CA GLY A 483 9.95 -17.23 4.72
C GLY A 483 9.96 -18.62 4.14
N PHE A 484 10.60 -18.81 2.97
CA PHE A 484 10.78 -20.16 2.45
C PHE A 484 11.78 -20.95 3.28
N ASP A 485 12.92 -20.34 3.64
CA ASP A 485 13.96 -21.06 4.39
C ASP A 485 13.43 -21.54 5.73
N ASN A 486 12.70 -20.69 6.42
CA ASN A 486 11.88 -21.16 7.52
C ASN A 486 10.58 -21.93 7.59
N GLY A 487 10.07 -22.38 6.49
CA GLY A 487 8.73 -22.89 6.75
C GLY A 487 7.41 -22.18 6.98
N VAL A 488 7.34 -20.90 6.61
CA VAL A 488 6.24 -20.06 7.06
C VAL A 488 5.23 -19.91 5.94
N PHE A 489 4.67 -21.03 5.50
CA PHE A 489 3.74 -21.05 4.37
C PHE A 489 2.45 -20.31 4.67
N ASN A 490 2.05 -20.26 5.96
CA ASN A 490 1.00 -19.40 6.53
C ASN A 490 0.99 -17.97 6.01
N LYS A 491 2.18 -17.45 5.67
CA LYS A 491 2.37 -16.04 5.40
C LYS A 491 3.01 -15.78 4.05
N LEU A 492 3.51 -16.83 3.38
CA LEU A 492 4.34 -16.67 2.19
C LEU A 492 3.58 -16.00 1.06
N GLU A 493 2.38 -16.50 0.77
CA GLU A 493 1.56 -15.94 -0.31
C GLU A 493 1.39 -14.44 -0.15
N GLY A 494 1.23 -13.98 1.10
CA GLY A 494 1.09 -12.55 1.35
C GLY A 494 2.37 -11.78 1.13
N PHE A 495 3.53 -12.39 1.43
CA PHE A 495 4.80 -11.75 1.07
C PHE A 495 4.93 -11.60 -0.43
N ILE A 496 4.62 -12.67 -1.16
CA ILE A 496 4.76 -12.69 -2.62
C ILE A 496 3.82 -11.66 -3.23
N ASN A 497 2.55 -11.66 -2.79
CA ASN A 497 1.57 -10.74 -3.33
C ASN A 497 1.92 -9.30 -2.98
N PHE A 498 2.44 -9.07 -1.77
CA PHE A 498 2.93 -7.75 -1.40
C PHE A 498 3.98 -7.27 -2.38
N SER A 499 4.99 -8.12 -2.62
CA SER A 499 6.03 -7.81 -3.60
C SER A 499 5.43 -7.48 -4.96
N LYS A 500 4.59 -8.39 -5.50
CA LYS A 500 3.92 -8.16 -6.79
C LYS A 500 3.21 -6.82 -6.85
N ARG A 501 2.48 -6.48 -5.79
CA ARG A 501 1.70 -5.25 -5.82
C ARG A 501 2.59 -4.01 -5.80
N MET A 502 3.84 -4.16 -5.34
CA MET A 502 4.79 -3.07 -5.15
C MET A 502 5.70 -2.86 -6.35
N GLN A 503 5.78 -3.86 -7.23
CA GLN A 503 6.79 -3.87 -8.28
C GLN A 503 6.52 -2.80 -9.34
N ASN A 504 5.25 -2.54 -9.65
CA ASN A 504 4.90 -1.63 -10.73
C ASN A 504 3.63 -0.85 -10.40
N SER A 505 3.61 -0.24 -9.23
CA SER A 505 2.43 0.46 -8.77
C SER A 505 2.37 1.85 -9.41
N ILE A 506 1.15 2.37 -9.53
CA ILE A 506 0.96 3.71 -10.06
C ILE A 506 1.65 4.74 -9.15
N SER A 507 1.70 4.46 -7.85
CA SER A 507 2.35 5.38 -6.91
C SER A 507 3.87 5.42 -7.10
N LEU A 508 4.46 4.27 -7.47
CA LEU A 508 5.89 4.20 -7.75
C LEU A 508 6.22 4.95 -9.03
N ASN A 509 5.42 4.71 -10.07
CA ASN A 509 5.65 5.36 -11.37
C ASN A 509 5.34 6.85 -11.30
N PHE A 510 4.33 7.23 -10.52
CA PHE A 510 4.12 8.65 -10.27
C PHE A 510 5.31 9.28 -9.58
N THR A 511 5.89 8.57 -8.60
CA THR A 511 7.09 9.04 -7.92
C THR A 511 8.23 9.30 -8.92
N VAL A 512 8.44 8.38 -9.87
CA VAL A 512 9.48 8.55 -10.88
C VAL A 512 9.11 9.70 -11.82
N ALA A 513 7.85 9.75 -12.27
CA ALA A 513 7.41 10.83 -13.17
C ALA A 513 7.60 12.20 -12.51
N LYS A 514 7.29 12.29 -11.22
CA LYS A 514 7.37 13.55 -10.49
C LYS A 514 8.83 13.99 -10.30
N ILE A 515 9.71 13.04 -10.03
CA ILE A 515 11.14 13.35 -9.93
C ILE A 515 11.66 13.88 -11.25
N LEU A 516 11.30 13.23 -12.34
CA LEU A 516 11.76 13.66 -13.66
C LEU A 516 11.26 15.06 -13.96
N GLN A 517 9.98 15.32 -13.71
CA GLN A 517 9.38 16.61 -14.05
C GLN A 517 10.08 17.75 -13.33
N ILE A 518 10.24 17.62 -12.01
CA ILE A 518 10.89 18.66 -11.22
C ILE A 518 12.36 18.78 -11.60
N SER A 519 13.02 17.65 -11.82
CA SER A 519 14.41 17.68 -12.28
C SER A 519 14.57 18.51 -13.56
N THR A 520 13.66 18.33 -14.54
CA THR A 520 13.83 19.05 -15.80
C THR A 520 13.40 20.51 -15.68
N ILE A 521 12.42 20.80 -14.84
CA ILE A 521 11.98 22.18 -14.63
C ILE A 521 13.08 22.99 -13.96
N LEU A 522 13.55 22.52 -12.80
CA LEU A 522 14.84 22.97 -12.29
C LEU A 522 15.92 22.47 -13.25
N GLY A 523 17.15 22.89 -13.03
CA GLY A 523 18.16 22.45 -13.98
C GLY A 523 19.01 21.28 -13.49
N THR A 524 18.45 20.47 -12.59
CA THR A 524 19.22 19.53 -11.78
C THR A 524 19.34 18.19 -12.49
N ASP A 525 20.44 18.01 -13.21
CA ASP A 525 20.70 16.77 -13.95
C ASP A 525 21.30 15.68 -13.08
N GLY A 526 21.62 15.97 -11.82
CA GLY A 526 22.17 14.94 -10.94
C GLY A 526 21.26 13.74 -10.83
N TYR A 527 19.97 13.98 -10.63
CA TYR A 527 19.02 12.88 -10.46
C TYR A 527 18.55 12.31 -11.79
N LEU A 528 18.52 13.14 -12.84
CA LEU A 528 17.90 12.75 -14.10
C LEU A 528 18.54 11.48 -14.68
N ASN A 529 19.87 11.38 -14.62
CA ASN A 529 20.59 10.27 -15.24
C ASN A 529 20.30 8.94 -14.55
N TYR A 530 20.02 8.96 -13.24
CA TYR A 530 19.70 7.73 -12.53
C TYR A 530 18.32 7.21 -12.93
N PHE A 531 17.36 8.12 -13.12
CA PHE A 531 15.98 7.72 -13.37
C PHE A 531 15.72 7.44 -14.85
N ILE A 532 16.44 8.11 -15.75
CA ILE A 532 16.46 7.66 -17.13
C ILE A 532 16.95 6.21 -17.21
N HIS A 533 17.99 5.89 -16.43
CA HIS A 533 18.52 4.53 -16.45
C HIS A 533 17.50 3.52 -15.90
N TYR A 534 16.66 3.92 -14.94
CA TYR A 534 15.59 3.05 -14.48
C TYR A 534 14.57 2.78 -15.59
N LEU A 535 14.22 3.81 -16.37
CA LEU A 535 13.21 3.64 -17.41
C LEU A 535 13.67 2.65 -18.49
N LYS A 536 14.91 2.83 -18.98
CA LYS A 536 15.44 1.94 -20.02
C LYS A 536 15.68 0.54 -19.49
N THR A 537 15.87 0.41 -18.18
CA THR A 537 15.99 -0.91 -17.55
C THR A 537 14.63 -1.62 -17.42
N ASN A 538 13.54 -0.87 -17.27
CA ASN A 538 12.25 -1.47 -16.91
C ASN A 538 11.18 -1.11 -17.90
N GLU A 539 11.56 -1.03 -19.18
CA GLU A 539 10.60 -0.68 -20.21
C GLU A 539 9.37 -1.57 -20.18
N ALA A 540 9.56 -2.87 -19.93
CA ALA A 540 8.43 -3.80 -19.95
C ALA A 540 7.40 -3.43 -18.88
N LEU A 541 7.86 -2.94 -17.73
CA LEU A 541 6.93 -2.50 -16.68
C LEU A 541 6.28 -1.17 -17.04
N ILE A 542 7.07 -0.22 -17.54
CA ILE A 542 6.56 1.11 -17.89
C ILE A 542 5.37 1.02 -18.83
N VAL A 543 5.41 0.04 -19.74
CA VAL A 543 4.40 -0.16 -20.78
C VAL A 543 3.26 -1.07 -20.32
N SER A 544 3.41 -1.71 -19.16
CA SER A 544 2.39 -2.61 -18.63
C SER A 544 1.35 -1.82 -17.85
N ASP A 545 0.38 -2.54 -17.33
CA ASP A 545 -0.64 -1.96 -16.46
C ASP A 545 -0.12 -1.91 -15.04
N TYR A 546 -0.34 -0.77 -14.41
CA TYR A 546 0.16 -0.50 -13.06
C TYR A 546 -0.84 -0.97 -12.01
N THR A 547 -0.33 -1.47 -10.89
CA THR A 547 -1.18 -1.81 -9.77
C THR A 547 -1.53 -0.54 -8.99
N ASP A 548 -2.63 -0.61 -8.25
CA ASP A 548 -3.15 0.52 -7.50
C ASP A 548 -3.42 0.08 -6.08
N ASN A 549 -2.63 0.61 -5.15
CA ASN A 549 -2.79 0.39 -3.72
C ASN A 549 -3.08 1.69 -2.97
N ARG A 550 -3.44 2.75 -3.69
CA ARG A 550 -3.71 4.03 -3.05
C ARG A 550 -4.89 3.93 -2.09
N ASP A 551 -4.85 4.76 -1.05
CA ASP A 551 -5.82 4.79 0.05
C ASP A 551 -6.76 5.97 -0.16
N PHE A 552 -7.94 5.70 -0.73
CA PHE A 552 -9.01 6.67 -0.93
C PHE A 552 -10.09 6.54 0.13
N LYS A 553 -9.81 5.87 1.24
CA LYS A 553 -10.80 5.49 2.23
C LYS A 553 -10.59 6.10 3.61
N SER A 554 -9.33 6.25 4.05
CA SER A 554 -9.07 6.62 5.44
C SER A 554 -9.70 7.94 5.83
N GLU A 555 -9.81 8.90 4.90
CA GLU A 555 -10.43 10.18 5.23
C GLU A 555 -11.95 10.07 5.36
N TRP A 556 -12.52 8.88 5.09
CA TRP A 556 -13.95 8.62 5.17
C TRP A 556 -14.31 7.67 6.31
N ASN A 557 -13.33 7.31 7.14
CA ASN A 557 -13.55 6.32 8.20
C ASN A 557 -14.59 6.82 9.18
N GLY A 558 -15.69 6.08 9.31
CA GLY A 558 -16.79 6.48 10.15
C GLY A 558 -17.76 7.43 9.49
N LEU A 559 -17.51 7.79 8.23
CA LEU A 559 -18.44 8.60 7.44
C LEU A 559 -18.94 7.76 6.28
N GLU A 560 -20.06 8.21 5.71
CA GLU A 560 -20.56 7.63 4.48
C GLU A 560 -19.89 8.33 3.31
N LYS A 561 -19.20 7.57 2.47
CA LYS A 561 -18.54 8.13 1.30
C LYS A 561 -19.57 8.60 0.28
N ILE A 562 -19.47 9.87 -0.10
CA ILE A 562 -20.33 10.49 -1.11
C ILE A 562 -19.42 11.08 -2.17
N ASP A 563 -20.04 11.50 -3.27
CA ASP A 563 -19.35 12.23 -4.32
C ASP A 563 -18.97 13.61 -3.80
N CYS A 564 -17.68 13.84 -3.68
CA CYS A 564 -17.12 15.09 -3.18
C CYS A 564 -15.94 15.42 -4.08
N ILE A 565 -15.23 16.49 -3.72
CA ILE A 565 -13.98 16.81 -4.39
C ILE A 565 -12.97 15.66 -4.24
N ASP A 566 -12.08 15.57 -5.21
CA ASP A 566 -11.08 14.53 -5.30
C ASP A 566 -9.71 15.18 -5.45
N VAL A 567 -8.67 14.54 -4.93
CA VAL A 567 -7.34 14.90 -5.40
C VAL A 567 -7.26 14.62 -6.89
N PRO A 568 -6.77 15.55 -7.70
CA PRO A 568 -6.81 15.40 -9.17
C PRO A 568 -5.66 14.57 -9.73
N VAL A 569 -5.72 13.27 -9.47
CA VAL A 569 -4.76 12.34 -10.03
C VAL A 569 -5.04 12.18 -11.52
N ASN A 570 -3.98 11.84 -12.27
CA ASN A 570 -4.10 11.57 -13.71
C ASN A 570 -3.16 10.40 -14.03
N ASP A 571 -3.72 9.18 -14.04
CA ASP A 571 -2.88 7.99 -14.10
C ASP A 571 -2.35 7.73 -15.50
N VAL A 572 -3.13 8.06 -16.54
CA VAL A 572 -2.64 7.85 -17.90
C VAL A 572 -1.51 8.82 -18.23
N ALA A 573 -1.58 10.05 -17.73
CA ALA A 573 -0.51 11.01 -17.99
C ALA A 573 0.80 10.54 -17.38
N THR A 574 0.74 9.96 -16.19
CA THR A 574 1.93 9.37 -15.55
C THR A 574 2.61 8.39 -16.48
N LYS A 575 1.85 7.47 -17.07
CA LYS A 575 2.47 6.53 -18.00
C LYS A 575 3.07 7.24 -19.21
N LEU A 576 2.36 8.25 -19.74
CA LEU A 576 2.82 8.93 -20.93
C LEU A 576 4.06 9.76 -20.64
N LYS A 577 4.13 10.38 -19.46
CA LYS A 577 5.34 11.10 -19.06
C LYS A 577 6.54 10.18 -19.11
N LEU A 578 6.39 8.95 -18.58
CA LEU A 578 7.50 8.02 -18.54
C LEU A 578 7.87 7.56 -19.94
N LEU A 579 6.87 7.37 -20.81
CA LEU A 579 7.16 7.11 -22.22
C LEU A 579 7.92 8.27 -22.84
N VAL A 580 7.45 9.49 -22.61
CA VAL A 580 8.13 10.67 -23.14
C VAL A 580 9.62 10.61 -22.83
N TYR A 581 9.94 10.45 -21.54
CA TYR A 581 11.35 10.45 -21.15
C TYR A 581 12.06 9.23 -21.73
N SER A 582 11.37 8.10 -21.81
CA SER A 582 11.96 6.90 -22.40
C SER A 582 12.31 7.13 -23.87
N ILE A 583 11.45 7.87 -24.59
CA ILE A 583 11.66 8.12 -26.01
C ILE A 583 12.74 9.15 -26.23
N VAL A 584 12.67 10.27 -25.51
CA VAL A 584 13.70 11.31 -25.56
C VAL A 584 15.10 10.69 -25.48
N PHE A 585 15.27 9.72 -24.57
CA PHE A 585 16.57 9.12 -24.31
C PHE A 585 16.70 7.72 -24.93
N GLU A 586 15.94 7.45 -25.98
CA GLU A 586 16.11 6.24 -26.78
C GLU A 586 17.14 6.53 -27.87
N ASP A 587 18.14 5.65 -28.00
CA ASP A 587 19.23 5.87 -28.94
C ASP A 587 19.20 4.97 -30.16
N GLN A 588 18.41 3.89 -30.13
CA GLN A 588 18.42 2.92 -31.22
C GLN A 588 17.15 2.95 -32.07
N ASP A 589 15.98 2.74 -31.47
CA ASP A 589 14.73 2.69 -32.24
C ASP A 589 13.59 3.06 -31.30
N ALA A 590 12.96 4.21 -31.54
CA ALA A 590 11.90 4.73 -30.69
C ALA A 590 10.52 4.36 -31.19
N SER A 591 10.44 3.70 -32.36
CA SER A 591 9.16 3.46 -33.03
C SER A 591 8.24 2.58 -32.19
N ARG A 592 8.80 1.55 -31.56
CA ARG A 592 8.01 0.68 -30.69
C ARG A 592 7.42 1.47 -29.52
N LEU A 593 8.20 2.39 -28.94
CA LEU A 593 7.68 3.18 -27.81
C LEU A 593 6.64 4.20 -28.28
N LEU A 594 6.82 4.75 -29.49
CA LEU A 594 5.85 5.71 -30.02
C LEU A 594 4.53 5.03 -30.37
N LYS A 595 4.58 3.76 -30.78
CA LYS A 595 3.35 3.02 -31.02
C LYS A 595 2.58 2.82 -29.72
N VAL A 596 3.27 2.47 -28.64
CA VAL A 596 2.61 2.39 -27.34
C VAL A 596 2.02 3.76 -26.97
N PHE A 597 2.83 4.81 -27.15
CA PHE A 597 2.38 6.18 -26.85
C PHE A 597 1.09 6.50 -27.58
N ASN A 598 1.04 6.17 -28.87
CA ASN A 598 -0.10 6.58 -29.70
C ASN A 598 -1.34 5.74 -29.41
N LYS A 599 -1.17 4.46 -29.05
CA LYS A 599 -2.30 3.64 -28.63
C LYS A 599 -2.92 4.18 -27.33
N ILE A 600 -2.08 4.65 -26.41
CA ILE A 600 -2.54 5.16 -25.13
C ILE A 600 -3.28 6.49 -25.31
N THR A 601 -2.71 7.41 -26.09
CA THR A 601 -3.41 8.69 -26.34
C THR A 601 -4.71 8.46 -27.10
N SER A 602 -4.79 7.42 -27.92
CA SER A 602 -6.02 7.14 -28.65
C SER A 602 -7.19 6.79 -27.72
N ASN A 603 -6.92 6.42 -26.46
CA ASN A 603 -7.97 5.95 -25.55
C ASN A 603 -7.85 6.59 -24.17
N ALA A 604 -7.40 7.85 -24.10
CA ALA A 604 -6.80 8.43 -22.91
C ALA A 604 -7.77 9.10 -21.92
N LYS A 605 -8.92 9.63 -22.37
CA LYS A 605 -9.91 10.26 -21.46
C LYS A 605 -9.42 11.56 -20.83
N PHE A 606 -8.90 12.47 -21.66
CA PHE A 606 -8.24 13.68 -21.19
C PHE A 606 -9.11 14.93 -21.37
N SER A 607 -8.72 15.99 -20.65
CA SER A 607 -9.15 17.35 -20.93
C SER A 607 -8.67 17.81 -22.30
N VAL A 608 -9.30 18.87 -22.81
CA VAL A 608 -8.91 19.43 -24.11
C VAL A 608 -7.42 19.72 -24.12
N PHE A 609 -6.92 20.39 -23.06
CA PHE A 609 -5.53 20.79 -23.07
C PHE A 609 -4.59 19.59 -23.05
N ASP A 610 -4.90 18.60 -22.20
CA ASP A 610 -4.04 17.43 -22.13
C ASP A 610 -4.04 16.65 -23.44
N ASN A 611 -5.17 16.61 -24.16
CA ASN A 611 -5.17 15.98 -25.48
C ASN A 611 -4.23 16.71 -26.44
N LEU A 612 -4.21 18.04 -26.38
CA LEU A 612 -3.28 18.81 -27.21
C LEU A 612 -1.83 18.60 -26.79
N LEU A 613 -1.58 18.65 -25.47
CA LEU A 613 -0.23 18.47 -24.95
C LEU A 613 0.42 17.21 -25.48
N TYR A 614 -0.30 16.08 -25.42
CA TYR A 614 0.31 14.81 -25.76
C TYR A 614 0.37 14.58 -27.26
N LYS A 615 -0.52 15.22 -28.02
CA LYS A 615 -0.33 15.31 -29.45
C LYS A 615 0.92 16.13 -29.80
N LEU A 616 1.08 17.29 -29.15
CA LEU A 616 2.31 18.06 -29.31
C LEU A 616 3.52 17.20 -28.99
N TYR A 617 3.50 16.49 -27.84
CA TYR A 617 4.61 15.61 -27.50
C TYR A 617 4.86 14.59 -28.59
N PHE A 618 3.80 13.92 -29.04
CA PHE A 618 3.95 12.86 -30.03
C PHE A 618 4.62 13.40 -31.30
N ASN A 619 4.14 14.53 -31.81
CA ASN A 619 4.74 15.12 -33.01
C ASN A 619 6.18 15.51 -32.77
N LEU A 620 6.48 15.98 -31.55
CA LEU A 620 7.83 16.44 -31.23
C LEU A 620 8.81 15.26 -31.23
N LEU A 621 8.40 14.13 -30.65
CA LEU A 621 9.28 12.99 -30.53
C LEU A 621 9.46 12.28 -31.86
N LYS A 622 8.38 12.19 -32.65
CA LYS A 622 8.45 11.56 -33.97
C LYS A 622 9.43 12.29 -34.89
N ILE A 623 9.42 13.62 -34.83
CA ILE A 623 10.26 14.45 -35.67
C ILE A 623 11.72 14.41 -35.24
N THR A 624 11.97 14.25 -33.94
CA THR A 624 13.34 14.25 -33.42
C THR A 624 13.94 12.85 -33.23
N LYS A 625 13.12 11.82 -33.02
CA LYS A 625 13.62 10.52 -32.59
C LYS A 625 13.31 9.40 -33.58
N THR A 626 12.75 9.72 -34.74
CA THR A 626 12.51 8.73 -35.78
C THR A 626 12.97 9.27 -37.12
N LYS A 627 13.14 8.34 -38.05
CA LYS A 627 13.52 8.66 -39.41
C LYS A 627 12.25 8.81 -40.22
N LEU A 628 12.00 10.01 -40.74
CA LEU A 628 10.80 10.31 -41.51
C LEU A 628 11.22 10.87 -42.87
N ASN A 629 10.37 10.63 -43.87
CA ASN A 629 10.56 11.34 -45.11
C ASN A 629 10.24 12.80 -44.85
N PRO A 630 10.64 13.71 -45.75
CA PRO A 630 10.46 15.13 -45.46
C PRO A 630 9.00 15.55 -45.35
N GLN A 631 8.07 14.86 -46.00
CA GLN A 631 6.66 15.26 -45.96
C GLN A 631 6.01 14.90 -44.63
N GLU A 632 6.32 13.73 -44.07
CA GLU A 632 5.83 13.39 -42.76
C GLU A 632 6.36 14.35 -41.71
N THR A 633 7.67 14.67 -41.80
CA THR A 633 8.28 15.66 -40.91
C THR A 633 7.52 16.99 -40.94
N GLN A 634 7.20 17.46 -42.15
CA GLN A 634 6.59 18.78 -42.31
C GLN A 634 5.16 18.79 -41.78
N SER A 635 4.41 17.69 -41.97
CA SER A 635 3.04 17.67 -41.46
C SER A 635 3.04 17.71 -39.93
N LEU A 636 3.77 16.80 -39.29
CA LEU A 636 3.87 16.82 -37.83
C LEU A 636 4.41 18.14 -37.32
N TYR A 637 5.37 18.74 -38.04
CA TYR A 637 5.97 19.97 -37.55
C TYR A 637 5.04 21.17 -37.74
N ASN A 638 4.25 21.18 -38.82
CA ASN A 638 3.29 22.27 -39.04
C ASN A 638 2.29 22.35 -37.90
N TYR A 639 1.84 21.20 -37.37
CA TYR A 639 0.89 21.23 -36.26
C TYR A 639 1.51 21.85 -35.02
N LEU A 640 2.79 21.54 -34.75
CA LEU A 640 3.50 22.21 -33.65
C LEU A 640 3.60 23.71 -33.89
N GLN A 641 3.88 24.10 -35.15
CA GLN A 641 4.05 25.52 -35.46
C GLN A 641 2.76 26.31 -35.25
N LYS A 642 1.62 25.73 -35.64
CA LYS A 642 0.36 26.45 -35.55
C LYS A 642 -0.08 26.63 -34.09
N ASN A 643 0.32 25.71 -33.20
CA ASN A 643 -0.26 25.64 -31.86
C ASN A 643 0.71 25.99 -30.74
N LEU A 644 2.01 26.12 -31.02
CA LEU A 644 2.96 26.63 -30.03
C LEU A 644 2.86 28.17 -30.03
N LYS A 645 1.73 28.63 -29.50
CA LYS A 645 1.36 30.04 -29.43
C LYS A 645 0.44 30.19 -28.23
N THR A 646 0.62 31.27 -27.46
CA THR A 646 -0.24 31.47 -26.29
C THR A 646 -1.71 31.55 -26.68
N ASP A 647 -2.01 32.14 -27.84
CA ASP A 647 -3.40 32.22 -28.30
C ASP A 647 -4.02 30.84 -28.43
N LYS A 648 -3.22 29.80 -28.68
CA LYS A 648 -3.74 28.44 -28.70
C LYS A 648 -3.63 27.77 -27.33
N LEU A 649 -2.56 28.07 -26.59
CA LEU A 649 -2.28 27.36 -25.35
C LEU A 649 -3.04 27.93 -24.15
N LYS A 650 -3.62 29.13 -24.28
CA LYS A 650 -4.47 29.75 -23.26
C LYS A 650 -5.57 28.82 -22.75
N ILE A 651 -5.98 27.84 -23.55
CA ILE A 651 -7.02 26.92 -23.13
C ILE A 651 -6.59 26.09 -21.94
N LEU A 652 -5.30 26.13 -21.59
CA LEU A 652 -4.87 25.53 -20.33
C LEU A 652 -5.40 26.30 -19.13
N ILE A 653 -5.79 27.56 -19.34
CA ILE A 653 -6.30 28.40 -18.26
C ILE A 653 -7.77 28.08 -18.01
N PRO A 654 -8.11 27.61 -16.81
CA PRO A 654 -9.50 27.34 -16.51
C PRO A 654 -10.25 28.63 -16.25
N GLU A 655 -11.55 28.61 -16.58
CA GLU A 655 -12.38 29.81 -16.34
C GLU A 655 -12.48 30.15 -14.86
N ASN A 656 -12.32 29.16 -13.98
CA ASN A 656 -12.13 29.42 -12.55
C ASN A 656 -10.63 29.52 -12.30
N LEU A 657 -10.12 30.75 -12.27
CA LEU A 657 -8.68 30.97 -12.13
C LEU A 657 -8.10 30.40 -10.84
N LEU A 658 -8.92 30.23 -9.80
CA LEU A 658 -8.44 29.68 -8.55
C LEU A 658 -8.28 28.15 -8.58
N SER A 659 -8.84 27.48 -9.60
CA SER A 659 -8.66 26.04 -9.76
C SER A 659 -7.19 25.68 -9.91
N GLY A 660 -6.80 24.62 -9.18
CA GLY A 660 -5.44 24.08 -9.26
C GLY A 660 -5.02 23.62 -10.64
N GLU A 661 -5.96 23.41 -11.57
CA GLU A 661 -5.59 23.01 -12.92
C GLU A 661 -4.70 24.02 -13.60
N LEU A 662 -4.76 25.29 -13.16
CA LEU A 662 -3.93 26.30 -13.79
C LEU A 662 -2.45 25.99 -13.62
N THR A 663 -2.03 25.70 -12.38
CA THR A 663 -0.61 25.40 -12.16
C THR A 663 -0.25 23.98 -12.59
N GLN A 664 -1.21 23.06 -12.58
CA GLN A 664 -0.95 21.73 -13.13
C GLN A 664 -0.60 21.82 -14.63
N ASN A 665 -1.49 22.46 -15.42
CA ASN A 665 -1.25 22.58 -16.85
C ASN A 665 0.00 23.42 -17.14
N LEU A 666 0.17 24.52 -16.40
CA LEU A 666 1.30 25.40 -16.62
C LEU A 666 2.61 24.68 -16.32
N THR A 667 2.62 23.85 -15.26
CA THR A 667 3.78 23.04 -14.94
C THR A 667 4.09 22.08 -16.09
N ASN A 668 3.05 21.53 -16.71
CA ASN A 668 3.27 20.61 -17.83
C ASN A 668 3.74 21.35 -19.07
N LEU A 669 3.22 22.55 -19.29
CA LEU A 669 3.72 23.38 -20.36
C LEU A 669 5.20 23.71 -20.17
N VAL A 670 5.59 24.06 -18.94
CA VAL A 670 7.00 24.42 -18.68
C VAL A 670 7.89 23.23 -18.99
N GLU A 671 7.48 22.05 -18.52
CA GLU A 671 8.26 20.83 -18.75
C GLU A 671 8.36 20.52 -20.23
N PHE A 672 7.25 20.71 -20.96
CA PHE A 672 7.25 20.46 -22.40
C PHE A 672 8.24 21.39 -23.11
N ILE A 673 8.33 22.64 -22.68
CA ILE A 673 9.25 23.58 -23.32
C ILE A 673 10.69 23.22 -22.98
N LYS A 674 10.94 22.78 -21.74
CA LYS A 674 12.28 22.31 -21.40
C LYS A 674 12.70 21.15 -22.29
N ILE A 675 11.76 20.24 -22.58
CA ILE A 675 12.05 19.09 -23.43
C ILE A 675 12.26 19.53 -24.88
N VAL A 676 11.46 20.50 -25.35
CA VAL A 676 11.72 21.11 -26.66
C VAL A 676 13.16 21.58 -26.75
N LYS A 677 13.64 22.28 -25.71
CA LYS A 677 15.00 22.81 -25.73
C LYS A 677 16.02 21.70 -25.67
N LEU A 678 15.76 20.66 -24.88
CA LEU A 678 16.69 19.54 -24.81
C LEU A 678 16.84 18.87 -26.17
N LEU A 679 15.72 18.60 -26.83
CA LEU A 679 15.77 17.95 -28.14
C LEU A 679 16.38 18.86 -29.20
N ALA A 680 16.13 20.16 -29.12
CA ALA A 680 16.75 21.09 -30.06
C ALA A 680 18.27 21.00 -30.01
N LYS A 681 18.83 20.80 -28.81
CA LYS A 681 20.27 20.57 -28.67
C LYS A 681 20.68 19.23 -29.26
N ARG A 682 20.08 18.13 -28.74
CA ARG A 682 20.48 16.79 -29.15
C ARG A 682 20.21 16.51 -30.62
N HIS A 683 19.21 17.18 -31.22
CA HIS A 683 18.81 16.92 -32.60
C HIS A 683 18.56 18.24 -33.32
N PRO A 684 19.62 18.98 -33.64
CA PRO A 684 19.46 20.32 -34.20
C PRO A 684 18.91 20.28 -35.61
N SER A 685 17.90 21.12 -35.85
CA SER A 685 17.32 21.30 -37.17
C SER A 685 16.78 22.71 -37.25
N SER A 686 16.52 23.16 -38.49
CA SER A 686 15.90 24.46 -38.67
C SER A 686 14.51 24.51 -38.02
N TYR A 687 13.74 23.42 -38.12
CA TYR A 687 12.40 23.46 -37.56
C TYR A 687 12.39 23.38 -36.04
N MET A 688 13.38 22.70 -35.43
CA MET A 688 13.49 22.75 -33.97
C MET A 688 13.91 24.12 -33.47
N ASN A 689 14.86 24.76 -34.17
CA ASN A 689 15.25 26.12 -33.80
C ASN A 689 14.08 27.08 -33.91
N GLN A 690 13.15 26.81 -34.83
CA GLN A 690 11.96 27.65 -34.93
C GLN A 690 11.00 27.39 -33.78
N LEU A 691 10.91 26.14 -33.31
CA LEU A 691 10.10 25.88 -32.12
C LEU A 691 10.73 26.52 -30.89
N VAL A 692 12.06 26.46 -30.78
CA VAL A 692 12.74 27.18 -29.70
C VAL A 692 12.41 28.66 -29.78
N ASN A 693 12.36 29.19 -31.00
CA ASN A 693 12.01 30.61 -31.18
C ASN A 693 10.56 30.88 -30.80
N LEU A 694 9.66 29.96 -31.15
CA LEU A 694 8.24 30.18 -30.90
C LEU A 694 7.92 30.19 -29.40
N VAL A 695 8.65 29.40 -28.60
CA VAL A 695 8.38 29.35 -27.17
C VAL A 695 8.98 30.51 -26.40
N LYS A 696 9.89 31.26 -27.03
CA LYS A 696 10.55 32.40 -26.38
C LYS A 696 9.61 33.41 -25.73
N PRO A 697 8.52 33.86 -26.37
CA PRO A 697 7.69 34.90 -25.74
C PRO A 697 6.65 34.39 -24.76
N PHE A 698 6.59 33.08 -24.50
CA PHE A 698 5.54 32.53 -23.65
C PHE A 698 5.55 33.18 -22.27
N GLY A 699 6.74 33.30 -21.67
CA GLY A 699 6.83 33.84 -20.32
C GLY A 699 6.28 35.26 -20.25
N LYS A 700 6.72 36.12 -21.17
CA LYS A 700 6.16 37.46 -21.26
C LYS A 700 4.65 37.41 -21.50
N GLU A 701 4.21 36.56 -22.42
CA GLU A 701 2.81 36.58 -22.83
C GLU A 701 1.90 36.06 -21.72
N PHE A 702 2.36 35.08 -20.93
CA PHE A 702 1.53 34.56 -19.84
C PHE A 702 1.52 35.50 -18.63
N LYS A 703 2.65 36.14 -18.34
CA LYS A 703 2.68 37.17 -17.31
C LYS A 703 1.65 38.27 -17.58
N ASN A 704 1.53 38.71 -18.83
CA ASN A 704 0.60 39.78 -19.18
C ASN A 704 -0.86 39.39 -18.98
N LEU A 705 -1.16 38.10 -18.81
CA LEU A 705 -2.51 37.65 -18.46
C LEU A 705 -2.83 37.92 -16.99
N LYS A 706 -1.83 38.18 -16.16
CA LYS A 706 -2.02 38.62 -14.77
C LYS A 706 -2.81 37.60 -13.96
N LEU A 707 -2.40 36.33 -14.05
CA LEU A 707 -3.14 35.25 -13.41
C LEU A 707 -3.11 35.37 -11.88
N VAL A 708 -2.00 35.87 -11.34
CA VAL A 708 -1.88 36.09 -9.90
C VAL A 708 -2.84 37.19 -9.45
N GLN A 709 -2.73 38.37 -10.06
CA GLN A 709 -3.53 39.52 -9.64
C GLN A 709 -5.01 39.20 -9.68
N ARG A 710 -5.47 38.61 -10.78
CA ARG A 710 -6.87 38.27 -10.92
C ARG A 710 -7.31 37.28 -9.84
N GLN A 711 -6.45 36.31 -9.49
CA GLN A 711 -6.77 35.41 -8.39
C GLN A 711 -6.84 36.16 -7.06
N HIS A 712 -5.91 37.10 -6.83
CA HIS A 712 -5.94 37.91 -5.62
C HIS A 712 -7.21 38.76 -5.54
N GLU A 713 -7.67 39.28 -6.69
CA GLU A 713 -8.87 40.10 -6.72
C GLU A 713 -10.12 39.29 -6.40
N ILE A 714 -10.20 38.06 -6.93
CA ILE A 714 -11.35 37.21 -6.67
C ILE A 714 -11.42 36.87 -5.18
N ILE A 715 -10.26 36.59 -4.58
CA ILE A 715 -10.16 36.24 -3.17
C ILE A 715 -10.60 37.42 -2.30
N ASP A 716 -10.14 38.64 -2.63
CA ASP A 716 -10.48 39.82 -1.84
C ASP A 716 -11.96 40.18 -1.99
N SER A 717 -12.58 39.82 -3.12
CA SER A 717 -13.99 40.11 -3.33
C SER A 717 -14.91 39.08 -2.69
N MET A 718 -14.37 37.97 -2.17
CA MET A 718 -15.21 36.94 -1.59
C MET A 718 -15.64 37.33 -0.19
N ASP A 719 -16.94 37.22 0.08
CA ASP A 719 -17.48 37.42 1.41
C ASP A 719 -17.55 36.09 2.16
N PHE A 720 -17.53 36.19 3.48
CA PHE A 720 -17.44 35.01 4.32
C PHE A 720 -18.35 35.19 5.52
N GLU A 721 -19.29 34.25 5.68
CA GLU A 721 -20.15 34.13 6.86
C GLU A 721 -19.86 32.77 7.45
N PRO A 722 -18.71 32.62 8.13
CA PRO A 722 -18.38 31.30 8.69
C PRO A 722 -19.33 30.94 9.78
N PRO A 723 -19.53 29.63 10.03
CA PRO A 723 -20.47 29.19 11.07
C PRO A 723 -19.95 29.32 12.49
N ILE A 724 -18.64 29.52 12.67
CA ILE A 724 -18.04 29.68 13.99
C ILE A 724 -17.10 30.88 13.94
N SER A 725 -16.63 31.30 15.11
CA SER A 725 -15.73 32.44 15.19
C SER A 725 -14.33 32.01 14.74
N VAL A 726 -13.87 32.62 13.65
CA VAL A 726 -12.56 32.33 13.07
C VAL A 726 -12.01 33.63 12.50
N ASP A 727 -10.71 33.64 12.23
CA ASP A 727 -10.06 34.69 11.46
C ASP A 727 -9.85 34.18 10.03
N ILE A 728 -10.51 34.83 9.08
CA ILE A 728 -10.30 34.52 7.67
C ILE A 728 -9.00 35.13 7.18
N SER A 729 -8.60 36.25 7.81
CA SER A 729 -7.60 37.15 7.26
C SER A 729 -6.25 36.45 7.06
N GLN A 730 -5.78 35.76 8.11
CA GLN A 730 -4.47 35.13 8.05
C GLN A 730 -4.40 34.07 6.96
N THR A 731 -5.52 33.37 6.71
CA THR A 731 -5.55 32.34 5.67
C THR A 731 -5.61 32.96 4.28
N LYS A 732 -6.39 34.03 4.11
CA LYS A 732 -6.42 34.73 2.83
C LYS A 732 -5.03 35.20 2.43
N LEU A 733 -4.26 35.72 3.40
CA LEU A 733 -2.92 36.20 3.08
C LEU A 733 -1.98 35.05 2.73
N GLU A 734 -2.05 33.96 3.50
CA GLU A 734 -1.21 32.79 3.23
C GLU A 734 -1.56 32.17 1.87
N ILE A 735 -2.86 32.13 1.54
CA ILE A 735 -3.28 31.55 0.28
C ILE A 735 -2.89 32.44 -0.90
N LYS A 736 -3.02 33.77 -0.74
CA LYS A 736 -2.60 34.68 -1.80
C LYS A 736 -1.09 34.63 -2.01
N SER A 737 -0.31 34.58 -0.92
CA SER A 737 1.14 34.48 -1.07
C SER A 737 1.56 33.17 -1.72
N SER A 738 0.87 32.08 -1.37
CA SER A 738 1.21 30.77 -1.92
C SER A 738 0.88 30.71 -3.41
N ILE A 739 -0.28 31.23 -3.80
CA ILE A 739 -0.63 31.29 -5.22
C ILE A 739 0.42 32.07 -5.98
N GLU A 740 0.84 33.22 -5.42
CA GLU A 740 1.83 34.07 -6.07
C GLU A 740 3.16 33.33 -6.25
N ASP A 741 3.73 32.86 -5.13
CA ASP A 741 5.02 32.18 -5.18
C ASP A 741 4.98 31.00 -6.16
N CYS A 742 3.93 30.18 -6.12
CA CYS A 742 3.93 28.99 -6.96
C CYS A 742 3.73 29.36 -8.44
N VAL A 743 2.86 30.32 -8.73
CA VAL A 743 2.60 30.71 -10.12
C VAL A 743 3.79 31.46 -10.73
N VAL A 744 4.41 32.37 -9.97
CA VAL A 744 5.51 33.17 -10.49
C VAL A 744 6.74 32.30 -10.77
N ALA A 745 6.98 31.30 -9.91
CA ALA A 745 8.06 30.35 -10.16
C ALA A 745 7.88 29.67 -11.52
N LEU A 746 6.64 29.32 -11.87
CA LEU A 746 6.35 28.67 -13.14
C LEU A 746 6.54 29.63 -14.32
N LEU A 747 6.00 30.85 -14.19
CA LEU A 747 6.09 31.85 -15.26
C LEU A 747 7.54 32.21 -15.58
N ASN A 748 8.38 32.37 -14.56
CA ASN A 748 9.80 32.61 -14.75
C ASN A 748 10.54 31.41 -15.32
N SER A 749 9.91 30.24 -15.29
CA SER A 749 10.51 29.03 -15.83
C SER A 749 10.14 28.81 -17.29
N LEU A 750 9.12 29.51 -17.79
CA LEU A 750 8.84 29.57 -19.22
C LEU A 750 9.89 30.48 -19.86
N THR B 2 -15.74 -7.65 18.23
CA THR B 2 -14.44 -7.92 17.62
C THR B 2 -14.26 -9.42 17.39
N SER B 3 -13.59 -9.74 16.30
CA SER B 3 -13.05 -11.06 16.07
C SER B 3 -11.55 -10.92 15.83
N ILE B 4 -10.80 -11.99 16.08
CA ILE B 4 -9.36 -11.96 15.97
C ILE B 4 -8.95 -12.85 14.80
N LYS B 5 -8.06 -12.34 13.95
CA LYS B 5 -7.57 -13.01 12.76
C LYS B 5 -6.06 -12.88 12.67
N PRO B 6 -5.42 -13.85 12.03
CA PRO B 6 -3.98 -13.73 11.79
C PRO B 6 -3.68 -12.57 10.87
N PHE B 7 -2.60 -11.89 11.18
CA PHE B 7 -2.14 -10.78 10.39
C PHE B 7 -1.41 -11.29 9.15
N GLN B 8 -1.64 -10.61 8.03
CA GLN B 8 -0.97 -10.91 6.78
C GLN B 8 -0.38 -9.62 6.24
N MET B 9 0.73 -9.77 5.52
CA MET B 9 1.50 -8.65 4.99
C MET B 9 0.63 -7.61 4.27
N GLU B 10 -0.34 -8.06 3.47
CA GLU B 10 -1.12 -7.12 2.67
C GLU B 10 -2.05 -6.27 3.52
N ASP B 11 -2.32 -6.67 4.77
CA ASP B 11 -3.03 -5.81 5.72
C ASP B 11 -2.34 -4.45 5.85
N LEU B 12 -1.02 -4.39 5.60
CA LEU B 12 -0.30 -3.13 5.70
C LEU B 12 -0.89 -2.07 4.78
N PHE B 13 -1.52 -2.47 3.68
CA PHE B 13 -2.07 -1.53 2.72
C PHE B 13 -3.36 -0.88 3.21
N GLU B 14 -3.99 -1.44 4.26
CA GLU B 14 -5.31 -1.01 4.69
C GLU B 14 -5.32 -0.55 6.14
N LEU B 15 -4.15 -0.25 6.68
CA LEU B 15 -3.92 0.02 8.10
C LEU B 15 -3.81 1.51 8.42
N ASN B 16 -3.94 2.39 7.44
CA ASN B 16 -3.73 3.81 7.73
C ASN B 16 -4.69 4.37 8.78
N PRO B 17 -5.96 3.95 8.88
CA PRO B 17 -6.80 4.45 9.98
C PRO B 17 -6.19 4.21 11.35
N VAL B 18 -5.46 3.10 11.49
CA VAL B 18 -4.75 2.81 12.73
C VAL B 18 -3.38 3.48 12.74
N ASN B 19 -2.59 3.29 11.68
CA ASN B 19 -1.19 3.69 11.69
C ASN B 19 -0.95 5.16 11.37
N LEU B 20 -2.01 5.93 11.13
CA LEU B 20 -1.89 7.38 11.07
C LEU B 20 -2.06 8.04 12.43
N ASP B 21 -2.43 7.25 13.44
CA ASP B 21 -2.41 7.71 14.82
C ASP B 21 -1.02 8.21 15.18
N PRO B 22 -0.91 9.32 15.92
CA PRO B 22 0.39 9.98 16.14
C PRO B 22 1.31 9.26 17.12
N LEU B 23 0.86 8.18 17.76
CA LEU B 23 1.70 7.38 18.64
C LEU B 23 1.97 6.01 18.07
N THR B 24 1.54 5.77 16.84
CA THR B 24 1.61 4.45 16.21
C THR B 24 2.61 4.52 15.07
N GLU B 25 3.77 3.91 15.29
CA GLU B 25 4.83 3.91 14.29
C GLU B 25 4.41 3.07 13.09
N ASN B 26 4.89 3.46 11.92
CA ASN B 26 4.78 2.58 10.76
C ASN B 26 6.18 2.11 10.42
N PHE B 27 6.43 0.83 10.69
CA PHE B 27 7.77 0.27 10.61
C PHE B 27 8.13 -0.07 9.18
N ASN B 28 9.40 -0.42 9.00
CA ASN B 28 9.86 -0.98 7.74
C ASN B 28 9.14 -2.29 7.43
N VAL B 29 8.97 -2.53 6.14
CA VAL B 29 8.54 -3.84 5.63
C VAL B 29 9.28 -4.99 6.33
N SER B 30 10.59 -4.83 6.51
CA SER B 30 11.41 -5.92 7.04
C SER B 30 11.06 -6.24 8.50
N PHE B 31 10.66 -5.23 9.27
CA PHE B 31 10.33 -5.43 10.67
C PHE B 31 9.02 -6.20 10.82
N TYR B 32 7.97 -5.75 10.12
CA TYR B 32 6.71 -6.50 10.09
C TYR B 32 6.91 -7.93 9.62
N SER B 33 7.62 -8.10 8.51
CA SER B 33 7.80 -9.43 7.94
C SER B 33 8.63 -10.33 8.85
N GLN B 34 9.58 -9.75 9.58
CA GLN B 34 10.37 -10.50 10.55
C GLN B 34 9.49 -11.10 11.64
N TYR B 35 8.54 -10.32 12.16
CA TYR B 35 7.63 -10.86 13.16
C TYR B 35 6.75 -11.96 12.58
N LEU B 36 6.29 -11.77 11.34
CA LEU B 36 5.52 -12.82 10.69
C LEU B 36 6.36 -14.06 10.41
N ILE B 37 7.68 -13.89 10.24
CA ILE B 37 8.53 -15.03 9.93
C ILE B 37 8.87 -15.80 11.21
N GLU B 38 9.23 -15.08 12.28
CA GLU B 38 9.76 -15.70 13.49
C GLU B 38 8.68 -16.05 14.52
N TRP B 39 7.69 -15.18 14.71
CA TRP B 39 6.60 -15.43 15.66
C TRP B 39 5.27 -15.17 14.96
N PRO B 40 4.92 -15.98 13.96
CA PRO B 40 3.71 -15.69 13.16
C PRO B 40 2.42 -15.72 13.95
N GLN B 41 2.33 -16.53 15.02
CA GLN B 41 1.10 -16.57 15.82
C GLN B 41 0.93 -15.37 16.73
N LEU B 42 1.99 -14.58 16.96
CA LEU B 42 1.99 -13.47 17.90
C LEU B 42 1.78 -12.15 17.18
N PHE B 43 1.31 -12.21 15.95
CA PHE B 43 1.01 -11.04 15.13
C PHE B 43 -0.40 -11.29 14.60
N TYR B 44 -1.37 -10.74 15.31
CA TYR B 44 -2.77 -10.92 14.97
C TYR B 44 -3.48 -9.58 15.08
N LYS B 45 -4.64 -9.53 14.45
CA LYS B 45 -5.41 -8.31 14.32
C LYS B 45 -6.82 -8.54 14.84
N SER B 46 -7.41 -7.46 15.31
CA SER B 46 -8.82 -7.42 15.62
C SER B 46 -9.56 -6.89 14.40
N VAL B 47 -10.80 -7.33 14.27
CA VAL B 47 -11.62 -7.09 13.08
C VAL B 47 -13.06 -6.93 13.54
N GLU B 48 -13.80 -6.06 12.86
CA GLU B 48 -15.14 -5.70 13.29
C GLU B 48 -16.17 -5.90 12.18
N THR B 49 -17.36 -6.27 12.61
CA THR B 49 -18.56 -6.13 11.79
C THR B 49 -19.24 -4.80 11.52
N PRO B 50 -19.50 -4.52 10.23
CA PRO B 50 -19.76 -5.54 9.19
C PRO B 50 -18.77 -5.77 7.99
N ASN B 51 -17.66 -5.04 7.83
CA ASN B 51 -16.77 -5.25 6.69
C ASN B 51 -15.42 -5.93 6.89
N GLY B 52 -15.07 -6.33 8.11
CA GLY B 52 -13.80 -6.97 8.35
C GLY B 52 -12.63 -6.02 8.44
N GLN B 53 -12.90 -4.74 8.68
CA GLN B 53 -11.85 -3.74 8.80
C GLN B 53 -11.06 -3.99 10.08
N ALA B 54 -9.75 -3.83 9.98
CA ALA B 54 -8.89 -4.01 11.15
C ALA B 54 -9.13 -2.88 12.14
N SER B 55 -9.54 -3.26 13.35
CA SER B 55 -9.75 -2.31 14.45
C SER B 55 -8.52 -2.18 15.34
N GLY B 56 -7.55 -3.07 15.20
CA GLY B 56 -6.31 -3.01 15.97
C GLY B 56 -5.46 -4.23 15.69
N TYR B 57 -4.25 -4.22 16.25
CA TYR B 57 -3.38 -5.38 16.12
C TYR B 57 -2.41 -5.46 17.28
N MET B 58 -1.86 -6.66 17.45
CA MET B 58 -0.82 -7.00 18.41
C MET B 58 0.37 -7.59 17.66
N MET B 59 1.56 -7.06 17.94
CA MET B 59 2.84 -7.62 17.52
C MET B 59 3.58 -7.96 18.79
N ALA B 60 3.85 -9.25 18.98
CA ALA B 60 4.63 -9.70 20.11
C ALA B 60 5.67 -10.72 19.63
N LYS B 61 6.59 -11.07 20.51
CA LYS B 61 7.64 -12.03 20.19
C LYS B 61 8.01 -12.79 21.45
N THR B 62 8.81 -13.85 21.25
CA THR B 62 9.45 -14.55 22.37
C THR B 62 10.95 -14.40 22.25
N GLU B 63 11.63 -14.49 23.40
CA GLU B 63 13.02 -14.09 23.54
C GLU B 63 13.60 -14.90 24.68
N GLY B 64 14.83 -15.39 24.46
CA GLY B 64 15.46 -16.35 25.36
C GLY B 64 16.64 -15.74 26.11
N GLN B 65 16.82 -16.20 27.35
CA GLN B 65 17.85 -15.67 28.24
C GLN B 65 18.37 -16.79 29.13
N LEU B 66 19.56 -16.57 29.69
CA LEU B 66 20.31 -17.54 30.51
C LEU B 66 20.13 -19.00 30.12
N LYS B 68 20.12 -20.15 26.52
CA LYS B 68 18.76 -19.61 26.61
C LYS B 68 17.81 -20.61 27.27
N LYS B 69 18.10 -20.94 28.53
CA LYS B 69 17.34 -21.92 29.31
C LYS B 69 16.04 -21.38 29.89
N GLU B 70 15.67 -20.15 29.54
CA GLU B 70 14.58 -19.44 30.21
C GLU B 70 14.04 -18.37 29.27
N TRP B 71 12.77 -18.49 28.90
CA TRP B 71 12.16 -17.70 27.84
C TRP B 71 11.04 -16.84 28.39
N HIS B 72 10.78 -15.74 27.68
CA HIS B 72 9.67 -14.85 28.00
C HIS B 72 9.11 -14.28 26.70
N THR B 73 7.87 -13.81 26.75
CA THR B 73 7.26 -13.11 25.63
C THR B 73 7.37 -11.60 25.85
N HIS B 74 7.40 -10.88 24.73
CA HIS B 74 7.57 -9.43 24.75
C HIS B 74 6.54 -8.81 23.82
N ILE B 75 5.84 -7.80 24.32
CA ILE B 75 4.92 -7.01 23.50
C ILE B 75 5.70 -5.87 22.85
N THR B 76 5.68 -5.78 21.52
CA THR B 76 6.31 -4.66 20.84
C THR B 76 5.32 -3.60 20.40
N ALA B 77 4.11 -3.99 19.99
CA ALA B 77 3.13 -3.00 19.54
C ALA B 77 1.70 -3.48 19.77
N VAL B 78 0.90 -2.64 20.40
CA VAL B 78 -0.55 -2.73 20.47
C VAL B 78 -1.13 -1.39 20.08
N THR B 79 -2.10 -1.38 19.17
CA THR B 79 -2.82 -0.18 18.80
C THR B 79 -4.25 -0.55 18.47
N VAL B 80 -5.14 0.42 18.66
CA VAL B 80 -6.56 0.26 18.45
C VAL B 80 -7.04 1.48 17.68
N LEU B 81 -7.79 1.24 16.60
CA LEU B 81 -8.46 2.31 15.87
C LEU B 81 -9.31 3.16 16.81
N ASP B 82 -9.28 4.49 16.59
CA ASP B 82 -9.98 5.44 17.47
C ASP B 82 -11.46 5.10 17.66
N GLN B 83 -12.14 4.64 16.60
CA GLN B 83 -13.57 4.36 16.70
C GLN B 83 -13.85 3.26 17.72
N TYR B 84 -12.87 2.38 17.97
CA TYR B 84 -13.09 1.19 18.78
C TYR B 84 -12.29 1.23 20.08
N ARG B 85 -12.04 2.41 20.62
CA ARG B 85 -11.33 2.61 21.87
C ARG B 85 -12.31 2.68 23.05
N ARG B 86 -11.78 2.45 24.25
CA ARG B 86 -12.50 2.49 25.54
C ARG B 86 -13.58 1.42 25.66
N ILE B 87 -13.40 0.29 24.98
CA ILE B 87 -14.30 -0.85 25.13
C ILE B 87 -13.49 -2.12 25.38
N GLY B 88 -12.23 -1.96 25.82
CA GLY B 88 -11.41 -3.10 26.23
C GLY B 88 -10.75 -3.87 25.10
N LEU B 89 -10.69 -3.30 23.90
CA LEU B 89 -10.11 -4.02 22.78
C LEU B 89 -8.60 -4.19 22.96
N ALA B 90 -7.90 -3.11 23.37
CA ALA B 90 -6.48 -3.23 23.66
C ALA B 90 -6.23 -4.26 24.76
N SER B 91 -7.03 -4.21 25.84
CA SER B 91 -6.89 -5.19 26.90
C SER B 91 -7.13 -6.62 26.38
N LYS B 92 -8.06 -6.78 25.43
CA LYS B 92 -8.33 -8.11 24.89
C LYS B 92 -7.15 -8.62 24.06
N LEU B 93 -6.59 -7.77 23.21
CA LEU B 93 -5.43 -8.13 22.41
C LEU B 93 -4.24 -8.56 23.27
N CYS B 94 -4.01 -7.85 24.38
CA CYS B 94 -2.93 -8.23 25.30
C CYS B 94 -3.26 -9.54 26.02
N LEU B 95 -4.52 -9.73 26.43
CA LEU B 95 -4.92 -10.93 27.16
C LEU B 95 -4.94 -12.19 26.27
N GLU B 96 -5.21 -12.03 24.97
CA GLU B 96 -5.21 -13.15 24.05
C GLU B 96 -3.84 -13.83 23.95
N LEU B 97 -2.75 -13.09 24.19
CA LEU B 97 -1.41 -13.69 24.23
C LEU B 97 -1.36 -14.84 25.22
N GLU B 98 -2.01 -14.69 26.38
CA GLU B 98 -1.97 -15.68 27.44
C GLU B 98 -2.69 -16.96 27.06
N ASN B 99 -3.47 -16.96 25.97
CA ASN B 99 -4.13 -18.14 25.41
C ASN B 99 -3.25 -18.94 24.46
N LEU B 100 -2.20 -18.33 23.92
CA LEU B 100 -1.34 -18.99 22.95
C LEU B 100 -0.33 -19.89 23.66
N THR B 101 -0.19 -21.13 23.19
CA THR B 101 0.60 -22.12 23.92
C THR B 101 2.08 -21.78 23.86
N GLN B 102 2.51 -21.14 22.78
CA GLN B 102 3.87 -20.64 22.67
C GLN B 102 4.17 -19.62 23.77
N VAL B 103 3.18 -18.78 24.13
CA VAL B 103 3.33 -17.82 25.21
C VAL B 103 3.27 -18.51 26.57
N LYS B 104 2.32 -19.44 26.74
CA LYS B 104 2.15 -20.14 28.01
C LYS B 104 3.42 -20.88 28.41
N ASP B 105 4.23 -21.30 27.43
CA ASP B 105 5.48 -22.00 27.68
C ASP B 105 6.60 -21.07 28.07
N THR B 106 6.37 -19.75 28.03
CA THR B 106 7.36 -18.82 28.56
C THR B 106 7.00 -18.47 30.00
N LEU B 107 7.92 -17.77 30.64
CA LEU B 107 7.84 -17.53 32.08
C LEU B 107 7.00 -16.31 32.41
N PHE B 108 7.13 -15.24 31.62
CA PHE B 108 6.38 -14.01 31.85
C PHE B 108 6.22 -13.29 30.52
N ILE B 109 5.37 -12.26 30.55
CA ILE B 109 5.24 -11.30 29.46
C ILE B 109 5.77 -9.96 29.96
N ASP B 110 6.64 -9.33 29.17
CA ASP B 110 7.13 -8.01 29.48
C ASP B 110 6.82 -7.05 28.32
N LEU B 111 7.15 -5.78 28.54
CA LEU B 111 6.83 -4.70 27.64
C LEU B 111 7.52 -3.44 28.16
N PHE B 112 7.65 -2.47 27.27
CA PHE B 112 8.21 -1.17 27.61
C PHE B 112 7.12 -0.13 27.50
N VAL B 113 6.97 0.68 28.55
CA VAL B 113 6.13 1.87 28.55
C VAL B 113 7.00 3.05 28.94
N LYS B 114 6.89 4.14 28.21
CA LYS B 114 7.65 5.33 28.56
C LYS B 114 7.21 5.83 29.93
N VAL B 115 8.18 6.40 30.66
CA VAL B 115 7.97 6.85 32.04
C VAL B 115 6.88 7.92 32.11
N THR B 116 6.70 8.68 31.03
CA THR B 116 5.70 9.74 30.97
C THR B 116 4.33 9.23 30.56
N ASN B 117 4.22 7.95 30.20
CA ASN B 117 2.98 7.39 29.71
C ASN B 117 2.23 6.73 30.87
N THR B 118 1.68 7.60 31.72
CA THR B 118 0.90 7.14 32.87
C THR B 118 -0.33 6.38 32.43
N LEU B 119 -0.86 6.72 31.26
CA LEU B 119 -1.98 5.99 30.67
C LEU B 119 -1.63 4.53 30.44
N GLY B 120 -0.51 4.29 29.75
CA GLY B 120 -0.18 2.93 29.36
C GLY B 120 0.13 2.05 30.55
N ARG B 121 0.77 2.64 31.57
CA ARG B 121 1.13 1.87 32.75
C ARG B 121 -0.10 1.35 33.47
N ILE B 122 -1.09 2.22 33.63
CA ILE B 122 -2.34 1.86 34.30
C ILE B 122 -3.07 0.78 33.51
N LEU B 123 -3.14 0.96 32.19
CA LEU B 123 -3.70 -0.06 31.31
C LEU B 123 -3.09 -1.43 31.60
N TYR B 124 -1.76 -1.51 31.56
CA TYR B 124 -1.10 -2.79 31.82
C TYR B 124 -1.21 -3.19 33.29
N GLU B 125 -1.22 -2.22 34.22
CA GLU B 125 -1.44 -2.56 35.62
C GLU B 125 -2.80 -3.22 35.81
N LYS B 126 -3.82 -2.72 35.12
CA LYS B 126 -5.14 -3.33 35.22
C LYS B 126 -5.14 -4.75 34.68
N LEU B 127 -4.20 -5.07 33.80
CA LEU B 127 -4.07 -6.41 33.23
C LEU B 127 -3.21 -7.34 34.07
N GLY B 128 -2.68 -6.88 35.21
CA GLY B 128 -1.82 -7.68 36.06
C GLY B 128 -0.34 -7.43 35.92
N TYR B 129 0.09 -6.52 35.04
CA TYR B 129 1.51 -6.22 34.91
C TYR B 129 1.92 -5.30 36.04
N SER B 130 3.20 -5.39 36.43
CA SER B 130 3.78 -4.47 37.41
C SER B 130 5.14 -4.00 36.92
N VAL B 131 5.48 -2.77 37.32
CA VAL B 131 6.77 -2.20 36.93
C VAL B 131 7.89 -3.00 37.55
N PHE B 132 8.76 -3.54 36.71
CA PHE B 132 9.90 -4.34 37.12
C PHE B 132 11.19 -3.51 37.21
N ARG B 133 11.44 -2.62 36.26
CA ARG B 133 12.73 -1.95 36.21
C ARG B 133 12.67 -0.77 35.24
N ARG B 134 13.30 0.34 35.64
CA ARG B 134 13.46 1.48 34.75
C ARG B 134 14.65 1.25 33.84
N VAL B 135 14.48 1.61 32.55
CA VAL B 135 15.49 1.42 31.53
C VAL B 135 15.68 2.67 30.69
N VAL B 136 16.89 2.81 30.13
CA VAL B 136 17.44 4.10 29.68
C VAL B 136 16.64 4.67 28.50
N GLY B 137 16.47 3.89 27.43
CA GLY B 137 15.87 4.42 26.22
C GLY B 137 16.83 4.55 25.06
N TYR B 138 17.99 5.17 25.28
CA TYR B 138 19.01 5.31 24.24
C TYR B 138 20.42 5.37 24.83
N ASN B 148 10.62 7.80 15.64
CA ASN B 148 10.25 8.98 14.87
C ASN B 148 9.03 9.69 15.48
N LYS B 149 7.90 8.98 15.58
CA LYS B 149 6.74 9.54 16.27
C LYS B 149 6.97 9.61 17.77
N ILE B 150 7.72 8.66 18.32
CA ILE B 150 8.01 8.62 19.75
C ILE B 150 9.50 8.89 19.95
N ASP B 151 9.81 9.74 20.93
CA ASP B 151 11.19 9.98 21.39
C ASP B 151 11.67 8.74 22.14
N ASP B 152 12.50 7.91 21.50
CA ASP B 152 12.99 6.70 22.13
C ASP B 152 14.06 6.96 23.18
N SER B 153 14.60 8.18 23.26
CA SER B 153 15.55 8.59 24.29
C SER B 153 14.91 8.77 25.67
N VAL B 154 13.58 8.82 25.75
CA VAL B 154 12.92 8.90 27.05
C VAL B 154 12.99 7.55 27.76
N ASP B 155 13.29 7.58 29.05
CA ASP B 155 13.34 6.38 29.86
C ASP B 155 12.03 5.61 29.76
N ALA B 156 12.12 4.30 29.99
CA ALA B 156 10.95 3.45 29.97
C ALA B 156 10.88 2.60 31.24
N PHE B 157 9.68 2.11 31.51
CA PHE B 157 9.45 1.07 32.49
C PHE B 157 9.30 -0.25 31.75
N ASP B 158 10.17 -1.21 32.06
CA ASP B 158 9.87 -2.60 31.76
C ASP B 158 8.85 -3.10 32.77
N MET B 159 7.70 -3.53 32.26
CA MET B 159 6.61 -4.06 33.07
C MET B 159 6.48 -5.55 32.78
N ARG B 160 6.24 -6.34 33.82
CA ARG B 160 6.16 -7.78 33.69
C ARG B 160 4.87 -8.32 34.29
N LYS B 161 4.39 -9.41 33.68
CA LYS B 161 3.30 -10.21 34.23
C LYS B 161 3.74 -11.68 34.25
N LEU B 162 3.94 -12.21 35.44
CA LEU B 162 4.26 -13.63 35.57
C LEU B 162 3.11 -14.48 35.06
N LEU B 163 3.46 -15.54 34.37
CA LEU B 163 2.60 -16.55 33.80
C LEU B 163 2.52 -17.77 34.71
N PRO B 164 1.40 -18.51 34.65
CA PRO B 164 1.26 -19.79 35.34
C PRO B 164 2.33 -20.82 34.94
O1 MES C . 3.91 1.93 17.91
C2 MES C . 5.09 1.42 18.80
C3 MES C . 4.73 0.97 20.29
N4 MES C . 3.13 0.72 20.56
C5 MES C . 2.00 1.61 19.78
C6 MES C . 2.39 2.05 18.30
C7 MES C . 2.66 -0.44 21.62
C8 MES C . 2.56 -0.50 23.15
S MES C . 4.12 -0.51 24.16
O1S MES C . 4.34 0.93 24.59
O2S MES C . 5.20 -1.04 23.23
O3S MES C . 3.82 -1.44 25.33
N1A COA D . -7.62 8.26 28.51
C2A COA D . -7.67 7.98 29.98
N3A COA D . -7.51 6.50 30.22
C4A COA D . -7.42 5.43 29.20
C5A COA D . -7.49 5.78 27.62
C6A COA D . -7.53 7.33 27.31
N6A COA D . -7.46 7.87 26.00
N7A COA D . -7.20 4.52 26.75
C8A COA D . -6.90 3.26 27.62
N9A COA D . -7.02 3.97 29.09
C1B COA D . -6.56 3.08 30.36
C2B COA D . -7.51 3.13 31.61
O2B COA D . -7.21 3.69 32.89
C3B COA D . -8.22 1.86 31.21
O3B COA D . -9.35 1.17 31.75
P3B COA D . -10.97 1.30 31.92
O7A COA D . -11.57 0.15 31.14
O8A COA D . -11.21 1.09 33.43
O9A COA D . -11.37 2.66 31.39
C4B COA D . -7.21 1.06 30.23
O4B COA D . -5.97 1.82 29.87
C5B COA D . -7.76 -0.08 29.29
O5B COA D . -8.55 0.19 28.12
P1A COA D . -8.97 -0.44 26.70
O1A COA D . -8.51 -1.84 26.67
O2A COA D . -10.45 -0.24 26.52
O3A COA D . -8.19 0.44 25.65
P2A COA D . -8.21 0.87 24.11
O4A COA D . -8.98 2.16 24.01
O5A COA D . -8.67 -0.26 23.30
O6A COA D . -6.66 1.21 23.88
CBP COA D . -4.30 2.41 23.63
CCP COA D . -5.55 1.79 24.57
CDP COA D . -3.15 3.15 24.60
CEP COA D . -3.62 1.16 22.72
CAP COA D . -4.98 3.58 22.54
OAP COA D . -5.97 4.43 23.06
C9P COA D . -4.04 3.91 21.28
O9P COA D . -3.17 4.96 21.25
N8P COA D . -3.67 2.73 20.40
C7P COA D . -2.23 2.51 19.82
C6P COA D . -1.12 3.55 20.22
C5P COA D . -0.44 3.65 21.72
O5P COA D . -0.44 4.75 22.46
N4P COA D . 0.09 2.37 22.25
C3P COA D . -0.01 1.28 23.20
C2P COA D . -0.21 1.26 24.71
S1P COA D . 1.00 1.80 25.87
#